data_8VU5
#
_entry.id   8VU5
#
_cell.length_a   1.00
_cell.length_b   1.00
_cell.length_c   1.00
_cell.angle_alpha   90.00
_cell.angle_beta   90.00
_cell.angle_gamma   90.00
#
_symmetry.space_group_name_H-M   'P 1'
#
loop_
_entity.id
_entity.type
_entity.pdbx_description
1 polymer Thrombopoietin
2 polymer 'Thrombopoietin receptor'
#
loop_
_entity_poly.entity_id
_entity_poly.type
_entity_poly.pdbx_seq_one_letter_code
_entity_poly.pdbx_strand_id
1 'polypeptide(L)'
;SPVAPACDPRLLNKLLRDSHLLHSRLSQCPDVDPLSIPVLLPAVDFSLGEWKTQTEQSKAQDILGAVSLLLEGVMAARGQ
LEPSCLSSLLGQLSGQVRLLLGALQGLLGTQLPLQGRTTAHKDPNALFLSLQQLLRGKVRFLLLVEGPTLCVRRTLPTTA
VPSENLYFQG
;
A
2 'polypeptide(L)'
;QDVFLLALGTEPLNCFSQTFEDLTCFWDEEEAAPSGTYQLLYAYRGEKPRACPLYSQSVPTFGTRYVCQFPAQDEVRLFF
PLHLWVKNVSLNQTLIQRVLFVDSVGLPAPPRVIKARGGSQPGELQIHWEAPAPEISDFLRHELRYGPTDSSNATAPSVI
QLLSTETCCPTLWMPNPVPVLDQPPCVHPTASQPHGPAPFLTVKGGSCLVSGLQAGKSYWLQLRSQPDGVSLRGSWGPWS
FPVTVDLPGDAVTIGLQCFTLDLKMVTCQWQQQDRTSSQGFFRHSRTRCCPTDRDPTWEKCEEEEPRPGSQPALVSRCHF
KSRNDSVIHILVEVTTAQGAVHSYLGSPFWIHQAVLLPTPSLHWREVSSGRLELEWQHQSSWAAQETCYQLRYTGEGRED
WKVLEPSLGARGGTLELRPRARYSLQLRARLNGPTYQGPWSAWSPPARVSTGSETAWENLYFQ
;
B,C
#
# COMPACT_ATOMS: atom_id res chain seq x y z
N PRO A 5 -5.12 -12.33 11.19
CA PRO A 5 -6.32 -11.50 11.04
C PRO A 5 -5.96 -10.06 10.67
N ALA A 6 -6.37 -9.10 11.51
CA ALA A 6 -6.16 -7.69 11.21
C ALA A 6 -4.70 -7.28 11.23
N CYS A 7 -3.80 -8.14 11.71
CA CYS A 7 -2.39 -7.81 11.72
C CYS A 7 -1.84 -7.51 10.33
N ASP A 8 -2.46 -8.07 9.30
CA ASP A 8 -1.96 -7.92 7.95
C ASP A 8 -2.21 -6.50 7.47
N PRO A 9 -1.18 -5.75 7.06
CA PRO A 9 -1.43 -4.43 6.46
C PRO A 9 -2.23 -4.50 5.17
N ARG A 10 -2.02 -5.54 4.37
CA ARG A 10 -2.76 -5.68 3.12
C ARG A 10 -4.25 -5.80 3.37
N LEU A 11 -4.65 -6.40 4.49
CA LEU A 11 -6.06 -6.45 4.83
C LEU A 11 -6.64 -5.06 5.05
N LEU A 12 -5.91 -4.21 5.79
CA LEU A 12 -6.40 -2.85 6.02
C LEU A 12 -6.46 -2.07 4.71
N ASN A 13 -5.44 -2.20 3.87
CA ASN A 13 -5.45 -1.51 2.59
C ASN A 13 -6.61 -1.97 1.72
N LYS A 14 -6.88 -3.28 1.71
CA LYS A 14 -8.00 -3.80 0.94
C LYS A 14 -9.32 -3.28 1.47
N LEU A 15 -9.48 -3.22 2.79
CA LEU A 15 -10.71 -2.66 3.35
C LEU A 15 -10.89 -1.20 2.93
N LEU A 16 -9.82 -0.41 3.03
CA LEU A 16 -9.91 0.99 2.63
C LEU A 16 -10.26 1.14 1.17
N ARG A 17 -9.60 0.37 0.31
CA ARG A 17 -9.84 0.46 -1.12
C ARG A 17 -11.27 0.07 -1.46
N ASP A 18 -11.78 -0.99 -0.82
CA ASP A 18 -13.15 -1.41 -1.10
C ASP A 18 -14.15 -0.37 -0.63
N SER A 19 -13.92 0.24 0.54
CA SER A 19 -14.82 1.30 0.99
C SER A 19 -14.79 2.49 0.04
N HIS A 20 -13.60 2.85 -0.46
CA HIS A 20 -13.50 3.95 -1.41
C HIS A 20 -14.22 3.64 -2.70
N LEU A 21 -14.09 2.41 -3.21
CA LEU A 21 -14.80 2.04 -4.42
C LEU A 21 -16.30 2.10 -4.22
N LEU A 22 -16.78 1.65 -3.06
CA LEU A 22 -18.20 1.74 -2.77
C LEU A 22 -18.67 3.19 -2.72
N HIS A 23 -17.87 4.07 -2.09
CA HIS A 23 -18.23 5.48 -2.05
C HIS A 23 -18.29 6.07 -3.45
N SER A 24 -17.33 5.74 -4.30
CA SER A 24 -17.35 6.24 -5.67
C SER A 24 -18.56 5.70 -6.43
N ARG A 25 -18.89 4.42 -6.24
CA ARG A 25 -19.98 3.81 -6.97
C ARG A 25 -21.33 4.38 -6.54
N LEU A 26 -21.45 4.81 -5.28
CA LEU A 26 -22.71 5.43 -4.85
C LEU A 26 -22.99 6.68 -5.66
N SER A 27 -21.96 7.49 -5.94
CA SER A 27 -22.17 8.73 -6.69
C SER A 27 -22.69 8.45 -8.09
N GLN A 28 -22.15 7.43 -8.76
CA GLN A 28 -22.60 7.11 -10.11
C GLN A 28 -24.05 6.65 -10.11
N CYS A 29 -24.43 5.81 -9.15
CA CYS A 29 -25.79 5.30 -9.12
C CYS A 29 -26.75 6.38 -8.63
N PRO A 30 -27.81 6.69 -9.38
CA PRO A 30 -28.72 7.76 -8.97
C PRO A 30 -29.75 7.32 -7.95
N ASP A 31 -30.67 8.23 -7.60
CA ASP A 31 -31.74 7.97 -6.63
C ASP A 31 -31.17 7.60 -5.26
N VAL A 32 -30.36 8.51 -4.73
CA VAL A 32 -29.72 8.34 -3.44
C VAL A 32 -30.33 9.27 -2.38
N ASP A 33 -31.58 9.67 -2.58
CA ASP A 33 -32.22 10.63 -1.68
C ASP A 33 -32.23 10.11 -0.25
N PRO A 34 -31.88 10.93 0.74
CA PRO A 34 -31.79 10.45 2.11
C PRO A 34 -33.16 10.12 2.68
N LEU A 35 -33.16 9.21 3.66
CA LEU A 35 -34.37 8.84 4.37
C LEU A 35 -34.57 9.72 5.59
N SER A 36 -35.83 9.91 5.98
CA SER A 36 -36.15 10.76 7.11
C SER A 36 -35.58 10.20 8.41
N ILE A 37 -35.65 8.89 8.59
CA ILE A 37 -35.12 8.27 9.80
C ILE A 37 -33.60 8.37 9.81
N PRO A 38 -32.98 8.85 10.88
CA PRO A 38 -31.52 8.96 10.92
C PRO A 38 -30.87 7.61 11.15
N VAL A 39 -29.56 7.57 10.91
CA VAL A 39 -28.74 6.39 11.13
C VAL A 39 -27.66 6.75 12.12
N LEU A 40 -27.61 6.02 13.24
CA LEU A 40 -26.61 6.29 14.26
C LEU A 40 -25.24 5.78 13.81
N LEU A 41 -24.23 6.63 13.92
CA LEU A 41 -22.93 6.32 13.37
C LEU A 41 -21.90 6.58 14.47
N PRO A 42 -20.74 5.92 14.44
CA PRO A 42 -19.83 5.98 15.60
C PRO A 42 -19.18 7.34 15.79
N ALA A 43 -18.36 7.44 16.83
CA ALA A 43 -17.64 8.66 17.17
C ALA A 43 -16.23 8.56 16.61
N VAL A 44 -15.92 9.08 15.40
CA VAL A 44 -14.58 8.90 14.72
C VAL A 44 -13.60 10.08 14.80
N ASP A 45 -13.96 11.16 15.50
CA ASP A 45 -13.02 12.30 15.67
C ASP A 45 -11.98 11.93 16.72
N PHE A 46 -10.73 11.74 16.32
CA PHE A 46 -9.72 11.49 17.40
C PHE A 46 -8.86 12.75 17.59
N SER A 47 -8.85 13.28 18.82
CA SER A 47 -8.00 14.47 19.12
C SER A 47 -6.55 14.02 19.32
N LEU A 48 -5.63 14.56 18.54
CA LEU A 48 -4.20 14.15 18.63
C LEU A 48 -3.73 14.28 20.08
N GLY A 49 -4.41 15.12 20.88
CA GLY A 49 -3.95 15.32 22.25
C GLY A 49 -4.23 14.12 23.13
N GLU A 50 -5.41 13.54 23.02
CA GLU A 50 -5.76 12.35 23.79
C GLU A 50 -5.40 11.07 23.04
N TRP A 51 -4.14 10.97 22.63
CA TRP A 51 -3.61 9.73 22.06
C TRP A 51 -2.38 9.22 22.80
N LYS A 52 -1.77 10.03 23.66
CA LYS A 52 -0.76 9.53 24.59
C LYS A 52 -1.34 9.15 25.93
N THR A 53 -2.49 9.72 26.31
CA THR A 53 -3.10 9.51 27.60
C THR A 53 -4.02 8.29 27.65
N GLN A 54 -4.25 7.64 26.51
CA GLN A 54 -5.11 6.48 26.44
C GLN A 54 -4.25 5.22 26.28
N THR A 55 -4.51 4.23 27.13
CA THR A 55 -3.76 2.98 27.07
C THR A 55 -4.36 2.06 26.01
N GLU A 56 -3.76 0.88 25.87
CA GLU A 56 -4.17 -0.04 24.81
C GLU A 56 -5.61 -0.49 25.00
N GLN A 57 -6.00 -0.81 26.23
CA GLN A 57 -7.31 -1.38 26.47
C GLN A 57 -8.42 -0.39 26.14
N SER A 58 -8.29 0.86 26.59
CA SER A 58 -9.32 1.85 26.33
C SER A 58 -9.48 2.09 24.83
N LYS A 59 -8.37 2.21 24.11
CA LYS A 59 -8.43 2.39 22.66
C LYS A 59 -9.06 1.18 21.99
N ALA A 60 -8.73 -0.01 22.46
CA ALA A 60 -9.30 -1.23 21.89
C ALA A 60 -10.81 -1.25 22.03
N GLN A 61 -11.31 -0.99 23.25
CA GLN A 61 -12.76 -0.98 23.44
C GLN A 61 -13.42 0.13 22.65
N ASP A 62 -12.77 1.30 22.54
CA ASP A 62 -13.33 2.39 21.75
C ASP A 62 -13.47 2.00 20.29
N ILE A 63 -12.42 1.40 19.71
CA ILE A 63 -12.48 1.01 18.30
C ILE A 63 -13.50 -0.10 18.08
N LEU A 64 -13.56 -1.07 18.99
CA LEU A 64 -14.55 -2.14 18.85
C LEU A 64 -15.96 -1.59 18.92
N GLY A 65 -16.21 -0.67 19.84
CA GLY A 65 -17.51 -0.02 19.90
C GLY A 65 -17.80 0.77 18.63
N ALA A 66 -16.80 1.43 18.08
CA ALA A 66 -16.98 2.18 16.85
C ALA A 66 -17.39 1.28 15.70
N VAL A 67 -16.65 0.18 15.50
CA VAL A 67 -16.93 -0.72 14.40
C VAL A 67 -18.28 -1.41 14.60
N SER A 68 -18.59 -1.81 15.83
CA SER A 68 -19.88 -2.45 16.10
C SER A 68 -21.04 -1.50 15.86
N LEU A 69 -20.91 -0.24 16.31
CA LEU A 69 -21.95 0.74 16.06
C LEU A 69 -22.09 1.02 14.57
N LEU A 70 -20.96 1.01 13.84
CA LEU A 70 -21.02 1.15 12.39
C LEU A 70 -21.80 0.00 11.77
N LEU A 71 -21.57 -1.22 12.26
CA LEU A 71 -22.31 -2.38 11.76
C LEU A 71 -23.80 -2.24 12.02
N GLU A 72 -24.17 -1.83 13.24
CA GLU A 72 -25.59 -1.65 13.54
C GLU A 72 -26.21 -0.57 12.67
N GLY A 73 -25.49 0.52 12.43
CA GLY A 73 -26.00 1.56 11.56
C GLY A 73 -26.21 1.08 10.15
N VAL A 74 -25.26 0.32 9.61
CA VAL A 74 -25.40 -0.20 8.25
C VAL A 74 -26.57 -1.17 8.17
N MET A 75 -26.66 -2.08 9.16
CA MET A 75 -27.76 -3.07 9.17
C MET A 75 -29.08 -2.28 9.07
N ALA A 76 -29.22 -1.24 9.89
CA ALA A 76 -30.43 -0.38 9.80
C ALA A 76 -30.43 0.27 8.41
N ALA A 77 -29.27 0.75 7.96
CA ALA A 77 -29.17 1.38 6.62
C ALA A 77 -29.69 0.42 5.55
N ARG A 78 -29.12 -0.78 5.42
CA ARG A 78 -29.70 -1.76 4.47
C ARG A 78 -31.21 -1.79 4.72
N GLY A 79 -31.63 -2.10 5.94
CA GLY A 79 -33.09 -2.17 6.16
C GLY A 79 -33.75 -0.92 5.63
N GLN A 80 -33.07 0.23 5.77
CA GLN A 80 -33.63 1.52 5.29
C GLN A 80 -33.72 1.50 3.76
N LEU A 81 -32.63 1.18 3.07
CA LEU A 81 -32.63 1.20 1.58
C LEU A 81 -33.54 0.08 1.04
N GLU A 82 -34.62 0.45 0.35
CA GLU A 82 -35.52 -0.55 -0.27
C GLU A 82 -34.72 -1.35 -1.30
N PRO A 83 -34.95 -2.66 -1.48
CA PRO A 83 -34.17 -3.46 -2.41
C PRO A 83 -33.93 -2.70 -3.70
N SER A 84 -32.67 -2.34 -3.98
CA SER A 84 -32.34 -1.56 -5.20
C SER A 84 -30.82 -1.53 -5.40
N CYS A 85 -30.34 -0.71 -6.34
CA CYS A 85 -28.88 -0.56 -6.55
C CYS A 85 -28.23 -0.10 -5.24
N LEU A 86 -28.92 0.85 -4.56
CA LEU A 86 -28.45 1.51 -3.30
C LEU A 86 -28.61 0.57 -2.11
N SER A 87 -29.27 -0.55 -2.29
CA SER A 87 -29.31 -1.63 -1.29
C SER A 87 -28.13 -2.54 -1.65
N SER A 88 -28.02 -2.94 -2.91
CA SER A 88 -26.81 -3.68 -3.22
C SER A 88 -25.58 -2.99 -2.66
N LEU A 89 -25.52 -1.66 -2.79
CA LEU A 89 -24.38 -0.92 -2.24
C LEU A 89 -24.30 -1.07 -0.73
N LEU A 90 -25.44 -0.99 -0.05
CA LEU A 90 -25.43 -1.13 1.41
C LEU A 90 -25.12 -2.55 1.83
N GLY A 91 -25.51 -3.55 1.03
CA GLY A 91 -25.09 -4.91 1.33
C GLY A 91 -23.60 -5.10 1.21
N GLN A 92 -23.01 -4.55 0.15
CA GLN A 92 -21.55 -4.59 0.03
C GLN A 92 -20.89 -3.87 1.19
N LEU A 93 -21.47 -2.74 1.63
CA LEU A 93 -20.92 -2.03 2.77
C LEU A 93 -20.99 -2.86 4.04
N SER A 94 -22.13 -3.53 4.25
CA SER A 94 -22.26 -4.37 5.44
C SER A 94 -21.23 -5.50 5.41
N GLY A 95 -21.00 -6.09 4.24
CA GLY A 95 -19.95 -7.08 4.12
C GLY A 95 -18.59 -6.51 4.47
N GLN A 96 -18.32 -5.28 4.03
CA GLN A 96 -17.04 -4.64 4.35
C GLN A 96 -16.87 -4.45 5.86
N VAL A 97 -17.90 -3.93 6.52
CA VAL A 97 -17.81 -3.68 7.95
C VAL A 97 -17.68 -4.98 8.72
N ARG A 98 -18.42 -6.01 8.31
CA ARG A 98 -18.32 -7.31 8.97
C ARG A 98 -16.91 -7.89 8.80
N LEU A 99 -16.33 -7.76 7.62
CA LEU A 99 -14.97 -8.23 7.42
C LEU A 99 -14.00 -7.50 8.33
N LEU A 100 -14.14 -6.18 8.45
CA LEU A 100 -13.24 -5.43 9.31
C LEU A 100 -13.40 -5.85 10.77
N LEU A 101 -14.63 -6.00 11.24
CA LEU A 101 -14.86 -6.39 12.62
C LEU A 101 -14.29 -7.77 12.90
N GLY A 102 -14.51 -8.72 11.99
CA GLY A 102 -13.95 -10.05 12.17
C GLY A 102 -12.43 -10.05 12.20
N ALA A 103 -11.81 -9.21 11.36
CA ALA A 103 -10.37 -9.11 11.40
C ALA A 103 -9.88 -8.53 12.72
N LEU A 104 -10.54 -7.47 13.21
CA LEU A 104 -10.11 -6.83 14.43
C LEU A 104 -10.25 -7.75 15.63
N GLN A 105 -11.36 -8.47 15.72
CA GLN A 105 -11.59 -9.32 16.89
C GLN A 105 -10.53 -10.41 17.03
N GLY A 106 -9.94 -10.84 15.91
CA GLY A 106 -8.91 -11.86 15.97
C GLY A 106 -7.64 -11.38 16.65
N LEU A 107 -7.18 -10.18 16.32
CA LEU A 107 -5.97 -9.62 16.90
C LEU A 107 -6.25 -8.85 18.19
N LEU A 108 -7.12 -7.85 18.10
CA LEU A 108 -7.29 -6.91 19.20
C LEU A 108 -8.01 -7.55 20.39
N GLY A 109 -8.80 -8.59 20.14
CA GLY A 109 -9.50 -9.27 21.22
C GLY A 109 -10.91 -8.74 21.40
N THR A 110 -11.80 -9.64 21.82
CA THR A 110 -13.19 -9.25 22.06
C THR A 110 -13.29 -8.27 23.23
N GLN A 111 -12.67 -8.61 24.35
CA GLN A 111 -12.61 -7.76 25.55
C GLN A 111 -14.04 -7.38 25.94
N LEU A 112 -14.36 -6.09 26.08
CA LEU A 112 -15.70 -5.66 26.42
C LEU A 112 -16.05 -4.47 25.52
N PRO A 113 -17.16 -4.53 24.79
CA PRO A 113 -17.54 -3.39 23.95
C PRO A 113 -17.95 -2.20 24.79
N LEU A 114 -17.69 -1.01 24.25
CA LEU A 114 -18.02 0.25 24.90
C LEU A 114 -18.72 1.17 23.91
N GLN A 115 -19.51 2.10 24.45
CA GLN A 115 -20.26 3.05 23.64
C GLN A 115 -19.66 4.45 23.83
N GLY A 116 -19.36 5.12 22.72
CA GLY A 116 -18.83 6.46 22.77
C GLY A 116 -19.85 7.52 22.41
N ARG A 117 -19.40 8.62 21.84
CA ARG A 117 -20.31 9.70 21.44
C ARG A 117 -21.19 9.24 20.29
N THR A 118 -22.45 9.65 20.32
CA THR A 118 -23.45 9.22 19.36
C THR A 118 -23.71 10.32 18.34
N THR A 119 -23.55 9.98 17.06
CA THR A 119 -23.75 10.92 15.95
C THR A 119 -24.84 10.38 15.03
N ALA A 120 -25.72 11.27 14.60
CA ALA A 120 -26.83 10.92 13.72
C ALA A 120 -26.59 11.48 12.34
N HIS A 121 -26.76 10.64 11.32
CA HIS A 121 -26.54 11.03 9.93
C HIS A 121 -27.78 10.69 9.12
N LYS A 122 -27.88 11.30 7.93
CA LYS A 122 -29.09 11.21 7.11
C LYS A 122 -28.86 10.41 5.83
N ASP A 123 -27.88 10.79 5.01
CA ASP A 123 -27.76 10.18 3.70
C ASP A 123 -26.75 9.03 3.71
N PRO A 124 -26.91 8.07 2.80
CA PRO A 124 -25.94 6.96 2.73
C PRO A 124 -24.52 7.41 2.46
N ASN A 125 -24.35 8.53 1.75
CA ASN A 125 -23.02 9.08 1.56
C ASN A 125 -22.33 9.31 2.90
N ALA A 126 -23.11 9.70 3.92
CA ALA A 126 -22.54 9.82 5.26
C ALA A 126 -22.06 8.47 5.79
N LEU A 127 -22.82 7.40 5.54
CA LEU A 127 -22.40 6.07 5.96
C LEU A 127 -21.06 5.71 5.32
N PHE A 128 -20.95 5.90 4.01
CA PHE A 128 -19.72 5.56 3.31
C PHE A 128 -18.56 6.41 3.80
N LEU A 129 -18.80 7.71 4.01
CA LEU A 129 -17.74 8.60 4.48
C LEU A 129 -17.29 8.22 5.87
N SER A 130 -18.22 7.86 6.75
CA SER A 130 -17.86 7.51 8.11
C SER A 130 -17.11 6.19 8.17
N LEU A 131 -17.51 5.22 7.34
CA LEU A 131 -16.74 3.99 7.26
C LEU A 131 -15.34 4.26 6.76
N GLN A 132 -15.21 5.14 5.75
CA GLN A 132 -13.90 5.49 5.25
C GLN A 132 -13.07 6.18 6.34
N GLN A 133 -13.71 7.01 7.16
CA GLN A 133 -13.00 7.67 8.25
C GLN A 133 -12.54 6.67 9.31
N LEU A 134 -13.38 5.69 9.64
CA LEU A 134 -13.00 4.68 10.62
C LEU A 134 -11.78 3.89 10.15
N LEU A 135 -11.74 3.54 8.87
CA LEU A 135 -10.57 2.91 8.30
C LEU A 135 -9.46 3.92 8.03
N ARG A 136 -9.66 5.18 8.38
CA ARG A 136 -8.65 6.22 8.24
C ARG A 136 -8.17 6.78 9.56
N GLY A 137 -8.99 6.76 10.60
CA GLY A 137 -8.67 7.41 11.85
C GLY A 137 -8.18 6.47 12.94
N LYS A 138 -9.08 6.10 13.84
CA LYS A 138 -8.68 5.33 15.01
C LYS A 138 -8.09 3.98 14.61
N VAL A 139 -8.76 3.29 13.68
CA VAL A 139 -8.30 1.95 13.28
C VAL A 139 -6.92 2.03 12.64
N ARG A 140 -6.75 2.96 11.70
CA ARG A 140 -5.48 3.08 11.01
C ARG A 140 -4.35 3.44 11.99
N PHE A 141 -4.62 4.37 12.91
CA PHE A 141 -3.57 4.78 13.84
C PHE A 141 -3.22 3.65 14.81
N LEU A 142 -4.21 2.94 15.34
CA LEU A 142 -3.89 1.86 16.27
C LEU A 142 -3.17 0.74 15.54
N LEU A 143 -3.63 0.38 14.34
CA LEU A 143 -2.98 -0.71 13.61
C LEU A 143 -1.65 -0.33 12.99
N LEU A 144 -1.31 0.96 12.93
CA LEU A 144 -0.04 1.36 12.35
C LEU A 144 0.98 1.82 13.37
N VAL A 145 0.56 2.24 14.56
CA VAL A 145 1.49 2.66 15.60
C VAL A 145 1.66 1.59 16.66
N GLU A 146 0.55 0.96 17.09
CA GLU A 146 0.60 -0.13 18.07
C GLU A 146 0.55 -1.50 17.40
N GLY A 147 1.16 -1.65 16.23
CA GLY A 147 1.13 -2.92 15.53
C GLY A 147 1.90 -4.00 16.26
N PRO A 148 3.23 -3.88 16.29
CA PRO A 148 4.03 -4.87 17.04
C PRO A 148 3.70 -4.92 18.52
N THR A 149 3.26 -3.81 19.12
CA THR A 149 3.00 -3.77 20.56
C THR A 149 1.86 -4.70 20.95
N LEU A 150 0.80 -4.73 20.15
CA LEU A 150 -0.44 -5.41 20.51
C LEU A 150 -0.58 -6.77 19.84
N CYS A 151 -0.04 -6.94 18.63
CA CYS A 151 -0.19 -8.21 17.93
C CYS A 151 0.47 -9.35 18.70
N VAL A 152 1.66 -9.11 19.26
CA VAL A 152 2.28 -10.08 20.17
C VAL A 152 2.40 -9.47 21.55
N GLN B 1 -7.27 -29.71 -12.26
CA GLN B 1 -7.88 -30.48 -11.16
C GLN B 1 -9.35 -30.11 -11.22
N ASP B 2 -10.15 -30.57 -10.27
CA ASP B 2 -11.62 -30.34 -10.38
C ASP B 2 -12.08 -29.52 -9.21
N VAL B 3 -13.03 -28.66 -9.47
CA VAL B 3 -13.42 -27.71 -8.42
C VAL B 3 -13.98 -28.40 -7.21
N PHE B 4 -14.48 -29.59 -7.38
CA PHE B 4 -15.18 -30.18 -6.21
C PHE B 4 -14.25 -31.18 -5.50
N LEU B 5 -13.36 -31.83 -6.25
CA LEU B 5 -12.42 -32.73 -5.60
C LEU B 5 -11.22 -32.00 -5.00
N LEU B 6 -11.30 -30.68 -4.87
CA LEU B 6 -10.28 -29.88 -4.20
C LEU B 6 -8.91 -30.04 -4.86
N GLU B 11 -11.80 -35.87 6.44
CA GLU B 11 -12.67 -34.74 6.11
C GLU B 11 -14.13 -35.18 6.10
N PRO B 12 -14.74 -35.24 7.28
CA PRO B 12 -16.16 -35.63 7.35
C PRO B 12 -17.08 -34.69 6.59
N LEU B 13 -16.79 -33.39 6.59
CA LEU B 13 -17.56 -32.41 5.84
C LEU B 13 -16.58 -31.54 5.07
N ASN B 14 -16.89 -31.27 3.81
CA ASN B 14 -16.01 -30.49 2.94
C ASN B 14 -16.68 -29.18 2.57
N CYS B 15 -15.95 -28.08 2.77
CA CYS B 15 -16.40 -26.75 2.36
C CYS B 15 -15.27 -26.06 1.61
N PHE B 16 -15.64 -25.12 0.73
CA PHE B 16 -14.59 -24.45 -0.09
C PHE B 16 -15.09 -23.08 -0.58
N SER B 17 -14.21 -22.07 -0.51
CA SER B 17 -14.57 -20.70 -0.97
C SER B 17 -13.65 -20.29 -2.12
N GLN B 18 -14.21 -19.94 -3.28
CA GLN B 18 -13.36 -19.65 -4.46
C GLN B 18 -12.98 -18.17 -4.53
N THR B 19 -13.72 -17.29 -3.85
CA THR B 19 -13.38 -15.87 -3.86
C THR B 19 -13.44 -15.26 -2.47
N PHE B 20 -13.70 -16.07 -1.43
CA PHE B 20 -13.99 -15.61 -0.08
C PHE B 20 -15.22 -14.72 -0.04
N GLU B 21 -15.95 -14.65 -1.14
CA GLU B 21 -17.25 -13.99 -1.22
C GLU B 21 -18.39 -14.98 -1.36
N ASP B 22 -18.08 -16.22 -1.76
CA ASP B 22 -19.05 -17.30 -1.84
C ASP B 22 -18.48 -18.55 -1.18
N LEU B 23 -19.36 -19.37 -0.62
CA LEU B 23 -18.96 -20.60 0.05
C LEU B 23 -19.89 -21.73 -0.36
N THR B 24 -19.33 -22.94 -0.43
CA THR B 24 -20.04 -24.13 -0.89
C THR B 24 -19.59 -25.33 -0.06
N CYS B 25 -20.53 -25.92 0.67
CA CYS B 25 -20.25 -27.07 1.52
C CYS B 25 -20.95 -28.31 0.96
N PHE B 26 -20.24 -29.44 0.98
CA PHE B 26 -20.76 -30.66 0.41
C PHE B 26 -20.15 -31.86 1.10
N TRP B 27 -20.76 -33.02 0.90
CA TRP B 27 -20.25 -34.28 1.44
C TRP B 27 -20.73 -35.43 0.59
N ASP B 28 -20.08 -36.58 0.77
CA ASP B 28 -20.41 -37.81 0.06
C ASP B 28 -20.36 -37.63 -1.46
N GLN B 39 -30.75 -31.43 5.70
CA GLN B 39 -30.16 -30.16 5.26
C GLN B 39 -28.70 -30.07 5.65
N LEU B 40 -28.15 -28.86 5.61
CA LEU B 40 -26.76 -28.58 5.93
C LEU B 40 -26.68 -27.35 6.85
N LEU B 41 -27.43 -27.41 7.96
CA LEU B 41 -27.51 -26.31 8.90
C LEU B 41 -26.13 -25.77 9.27
N TYR B 42 -26.02 -24.45 9.33
CA TYR B 42 -24.79 -23.77 9.67
C TYR B 42 -25.11 -22.59 10.58
N ALA B 43 -24.13 -22.18 11.37
CA ALA B 43 -24.34 -21.11 12.33
C ALA B 43 -23.10 -20.25 12.47
N TYR B 44 -23.31 -18.92 12.50
CA TYR B 44 -22.25 -17.95 12.75
C TYR B 44 -22.39 -17.46 14.18
N ARG B 45 -21.50 -17.94 15.05
CA ARG B 45 -21.50 -17.57 16.47
C ARG B 45 -22.87 -17.81 17.10
N GLY B 46 -23.53 -16.74 17.52
CA GLY B 46 -24.83 -16.87 18.15
C GLY B 46 -25.96 -16.29 17.34
N GLU B 47 -26.81 -17.16 16.79
CA GLU B 47 -28.00 -16.76 16.04
C GLU B 47 -28.84 -18.00 15.80
N LYS B 48 -30.07 -17.77 15.36
CA LYS B 48 -30.98 -18.89 15.04
C LYS B 48 -30.54 -19.55 13.75
N PRO B 49 -30.25 -20.85 13.76
CA PRO B 49 -29.69 -21.50 12.56
C PRO B 49 -30.65 -21.46 11.38
N ARG B 50 -30.07 -21.40 10.18
CA ARG B 50 -30.83 -21.39 8.93
C ARG B 50 -30.27 -22.45 8.00
N ALA B 51 -31.09 -22.87 7.04
CA ALA B 51 -30.77 -23.96 6.14
C ALA B 51 -30.18 -23.41 4.84
N CYS B 52 -28.97 -23.84 4.51
CA CYS B 52 -28.35 -23.48 3.25
C CYS B 52 -29.10 -24.15 2.10
N PRO B 53 -29.38 -23.42 1.01
CA PRO B 53 -30.16 -24.00 -0.09
C PRO B 53 -29.47 -25.18 -0.76
N LEU B 54 -30.04 -26.37 -0.61
CA LEU B 54 -29.39 -27.62 -0.99
C LEU B 54 -30.09 -28.23 -2.20
N TYR B 55 -29.29 -28.79 -3.10
CA TYR B 55 -29.78 -29.54 -4.25
C TYR B 55 -29.10 -30.89 -4.28
N SER B 56 -29.84 -31.92 -4.72
CA SER B 56 -29.34 -33.29 -4.73
C SER B 56 -28.69 -33.56 -6.08
N GLN B 57 -27.37 -33.76 -6.07
CA GLN B 57 -26.62 -34.08 -7.28
C GLN B 57 -26.38 -35.59 -7.31
N SER B 58 -27.44 -36.32 -7.66
CA SER B 58 -27.35 -37.77 -7.70
C SER B 58 -26.46 -38.23 -8.85
N VAL B 59 -25.55 -39.15 -8.56
CA VAL B 59 -24.65 -39.69 -9.58
C VAL B 59 -24.43 -41.18 -9.29
N PRO B 60 -24.55 -42.04 -10.30
CA PRO B 60 -24.32 -43.48 -10.07
C PRO B 60 -22.90 -43.81 -9.62
N THR B 61 -21.90 -43.07 -10.10
CA THR B 61 -20.51 -43.39 -9.77
C THR B 61 -20.23 -43.16 -8.29
N PHE B 62 -20.65 -42.02 -7.76
CA PHE B 62 -20.43 -41.67 -6.37
C PHE B 62 -21.72 -41.92 -5.57
N GLY B 63 -21.75 -41.46 -4.33
CA GLY B 63 -22.94 -41.57 -3.51
C GLY B 63 -24.00 -40.56 -3.89
N THR B 64 -24.74 -40.07 -2.90
CA THR B 64 -25.80 -39.09 -3.18
C THR B 64 -25.22 -37.73 -3.55
N ARG B 65 -24.05 -37.38 -3.00
CA ARG B 65 -23.38 -36.10 -3.28
C ARG B 65 -24.31 -34.92 -3.03
N TYR B 66 -24.70 -34.75 -1.78
CA TYR B 66 -25.52 -33.61 -1.40
C TYR B 66 -24.64 -32.36 -1.36
N VAL B 67 -25.04 -31.33 -2.11
CA VAL B 67 -24.28 -30.10 -2.25
C VAL B 67 -25.21 -28.93 -2.03
N CYS B 68 -24.78 -27.94 -1.25
CA CYS B 68 -25.51 -26.68 -1.15
C CYS B 68 -24.52 -25.53 -1.31
N GLN B 69 -25.02 -24.40 -1.81
CA GLN B 69 -24.23 -23.20 -1.99
C GLN B 69 -24.86 -22.07 -1.20
N PHE B 70 -24.06 -21.42 -0.36
CA PHE B 70 -24.55 -20.28 0.39
C PHE B 70 -24.88 -19.12 -0.54
N PRO B 71 -25.88 -18.30 -0.19
CA PRO B 71 -26.34 -17.26 -1.13
C PRO B 71 -25.29 -16.22 -1.46
N ALA B 72 -24.14 -16.29 -0.77
CA ALA B 72 -23.04 -15.34 -1.01
C ALA B 72 -23.52 -13.92 -0.70
N GLN B 73 -24.49 -13.79 0.21
CA GLN B 73 -24.99 -12.45 0.62
C GLN B 73 -24.84 -12.30 2.14
N ASP B 74 -23.86 -11.51 2.59
CA ASP B 74 -23.64 -11.27 4.06
C ASP B 74 -23.61 -12.60 4.81
N GLU B 75 -23.23 -13.69 4.14
CA GLU B 75 -23.25 -15.03 4.80
C GLU B 75 -21.88 -15.72 4.64
N VAL B 76 -20.93 -15.07 3.96
CA VAL B 76 -19.64 -15.71 3.75
C VAL B 76 -18.64 -14.85 4.54
N ARG B 77 -19.11 -14.26 5.65
CA ARG B 77 -18.27 -13.38 6.45
C ARG B 77 -16.98 -14.09 6.86
N LEU B 78 -15.87 -13.40 6.69
CA LEU B 78 -14.55 -13.98 6.91
C LEU B 78 -14.11 -13.79 8.36
N PHE B 79 -13.06 -14.54 8.73
CA PHE B 79 -12.42 -14.42 10.03
C PHE B 79 -13.40 -14.63 11.17
N PHE B 80 -14.36 -15.53 10.95
CA PHE B 80 -15.34 -15.90 11.96
C PHE B 80 -15.42 -17.42 12.04
N PRO B 81 -15.58 -17.98 13.23
CA PRO B 81 -15.78 -19.44 13.34
C PRO B 81 -17.18 -19.82 12.91
N LEU B 82 -17.27 -20.77 11.98
CA LEU B 82 -18.53 -21.28 11.46
C LEU B 82 -18.70 -22.73 11.89
N HIS B 83 -19.84 -23.03 12.50
CA HIS B 83 -20.14 -24.36 12.99
C HIS B 83 -21.16 -25.02 12.08
N LEU B 84 -20.84 -26.21 11.59
CA LEU B 84 -21.70 -26.95 10.67
C LEU B 84 -22.20 -28.21 11.36
N TRP B 85 -23.52 -28.40 11.38
CA TRP B 85 -24.12 -29.66 11.81
C TRP B 85 -25.20 -30.05 10.82
N VAL B 86 -25.22 -31.32 10.46
CA VAL B 86 -26.18 -31.83 9.48
C VAL B 86 -27.43 -32.29 10.23
N LYS B 87 -28.59 -31.79 9.80
CA LYS B 87 -29.86 -32.09 10.44
C LYS B 87 -30.73 -32.83 9.42
N ASN B 88 -30.57 -34.15 9.35
CA ASN B 88 -31.39 -34.94 8.46
C ASN B 88 -32.81 -35.05 8.98
N VAL B 89 -33.76 -35.22 8.06
CA VAL B 89 -35.18 -35.24 8.42
C VAL B 89 -35.64 -36.58 8.95
N SER B 90 -34.72 -37.53 9.14
CA SER B 90 -35.11 -38.85 9.65
C SER B 90 -35.50 -38.77 11.11
N LEU B 91 -34.55 -38.42 11.99
CA LEU B 91 -34.83 -38.31 13.41
C LEU B 91 -34.17 -37.08 14.04
N ASN B 92 -33.57 -36.19 13.23
CA ASN B 92 -32.89 -34.99 13.74
C ASN B 92 -31.81 -35.36 14.77
N GLN B 93 -31.09 -36.44 14.49
CA GLN B 93 -30.06 -36.92 15.41
C GLN B 93 -28.75 -36.20 15.14
N THR B 94 -27.67 -36.68 15.72
CA THR B 94 -26.35 -36.10 15.54
C THR B 94 -25.71 -36.66 14.27
N LEU B 95 -25.25 -35.76 13.40
CA LEU B 95 -24.64 -36.17 12.14
C LEU B 95 -23.27 -35.51 11.97
N ILE B 96 -22.72 -35.59 10.75
CA ILE B 96 -21.41 -35.04 10.46
C ILE B 96 -21.31 -33.58 10.91
N GLN B 97 -20.18 -33.23 11.51
CA GLN B 97 -19.94 -31.88 11.99
C GLN B 97 -18.53 -31.44 11.59
N ARG B 98 -18.35 -30.13 11.46
CA ARG B 98 -17.04 -29.54 11.20
C ARG B 98 -17.08 -28.07 11.58
N VAL B 99 -16.04 -27.62 12.27
CA VAL B 99 -15.84 -26.22 12.61
C VAL B 99 -14.77 -25.66 11.69
N LEU B 100 -15.08 -24.59 10.96
CA LEU B 100 -14.21 -24.11 9.92
C LEU B 100 -14.15 -22.58 9.94
N PHE B 101 -13.02 -22.06 9.48
CA PHE B 101 -12.84 -20.65 9.20
C PHE B 101 -13.00 -20.45 7.70
N VAL B 102 -14.01 -19.69 7.29
CA VAL B 102 -14.10 -19.30 5.88
C VAL B 102 -12.84 -18.56 5.49
N ASP B 103 -12.21 -17.91 6.46
CA ASP B 103 -10.83 -17.45 6.31
C ASP B 103 -9.92 -18.59 5.89
N SER B 104 -10.08 -19.77 6.49
CA SER B 104 -9.09 -20.84 6.42
C SER B 104 -9.57 -22.06 5.63
N VAL B 105 -10.55 -21.91 4.75
CA VAL B 105 -11.00 -23.03 3.92
C VAL B 105 -11.03 -22.60 2.46
N GLY B 106 -10.32 -21.53 2.13
CA GLY B 106 -10.38 -20.98 0.76
C GLY B 106 -9.91 -21.92 -0.31
N LEU B 107 -10.71 -22.08 -1.38
CA LEU B 107 -10.29 -22.89 -2.55
C LEU B 107 -10.38 -21.96 -3.77
N PRO B 108 -9.54 -20.91 -3.87
CA PRO B 108 -9.68 -19.91 -4.93
C PRO B 108 -9.74 -20.38 -6.37
N ALA B 109 -10.56 -19.70 -7.18
CA ALA B 109 -10.68 -20.02 -8.59
C ALA B 109 -9.36 -19.79 -9.33
N PRO B 110 -9.10 -20.54 -10.39
CA PRO B 110 -7.84 -20.38 -11.12
C PRO B 110 -7.80 -19.08 -11.89
N PRO B 111 -6.59 -18.56 -12.16
CA PRO B 111 -6.49 -17.38 -13.03
C PRO B 111 -7.03 -17.65 -14.42
N ARG B 112 -7.68 -16.63 -14.99
CA ARG B 112 -8.31 -16.71 -16.30
C ARG B 112 -7.73 -15.64 -17.21
N VAL B 113 -8.11 -15.72 -18.48
CA VAL B 113 -7.60 -14.83 -19.53
C VAL B 113 -6.09 -14.80 -19.44
N ILE B 114 -5.46 -15.97 -19.46
CA ILE B 114 -4.03 -16.07 -19.21
C ILE B 114 -3.26 -15.33 -20.30
N LYS B 115 -3.58 -15.63 -21.57
CA LYS B 115 -3.03 -14.93 -22.72
C LYS B 115 -1.51 -14.76 -22.63
N ALA B 116 -0.89 -15.75 -22.02
CA ALA B 116 0.55 -15.70 -21.78
C ALA B 116 1.31 -15.71 -23.10
N ARG B 117 2.38 -14.91 -23.15
CA ARG B 117 3.26 -14.84 -24.31
C ARG B 117 4.71 -14.95 -23.86
N GLY B 118 5.55 -15.49 -24.74
CA GLY B 118 6.95 -15.70 -24.40
C GLY B 118 7.81 -14.47 -24.60
N GLY B 119 7.48 -13.38 -23.90
CA GLY B 119 8.24 -12.15 -24.00
C GLY B 119 9.51 -12.19 -23.18
N SER B 120 10.24 -11.07 -23.25
CA SER B 120 11.46 -10.85 -22.46
C SER B 120 12.50 -11.90 -22.86
N GLN B 121 13.05 -12.66 -21.92
CA GLN B 121 14.10 -13.62 -22.25
C GLN B 121 13.53 -14.76 -23.09
N PRO B 122 14.38 -15.42 -23.90
CA PRO B 122 13.86 -16.48 -24.78
C PRO B 122 13.20 -17.62 -24.01
N GLY B 123 13.76 -18.02 -22.87
CA GLY B 123 13.09 -18.98 -22.03
C GLY B 123 12.02 -18.39 -21.13
N GLU B 124 11.99 -17.07 -21.04
CA GLU B 124 11.01 -16.39 -20.21
C GLU B 124 9.62 -16.53 -20.82
N LEU B 125 8.61 -16.66 -19.95
CA LEU B 125 7.22 -16.74 -20.36
C LEU B 125 6.42 -15.75 -19.53
N GLN B 126 5.98 -14.67 -20.17
CA GLN B 126 5.16 -13.67 -19.49
C GLN B 126 3.73 -14.20 -19.38
N ILE B 127 3.17 -14.15 -18.17
CA ILE B 127 1.89 -14.79 -17.90
C ILE B 127 0.88 -13.77 -17.39
N HIS B 128 0.93 -12.55 -17.93
CA HIS B 128 0.01 -11.51 -17.48
C HIS B 128 -1.43 -12.01 -17.54
N TRP B 129 -2.05 -12.19 -16.38
CA TRP B 129 -3.36 -12.79 -16.27
C TRP B 129 -4.33 -11.83 -15.59
N GLU B 130 -5.59 -11.91 -16.01
CA GLU B 130 -6.67 -11.15 -15.38
C GLU B 130 -7.28 -12.04 -14.31
N ALA B 131 -7.00 -11.72 -13.06
CA ALA B 131 -7.46 -12.56 -11.96
C ALA B 131 -8.99 -12.56 -11.92
N PRO B 132 -9.62 -13.73 -11.89
CA PRO B 132 -11.09 -13.77 -11.83
C PRO B 132 -11.66 -13.09 -10.60
N ALA B 133 -10.94 -13.15 -9.47
CA ALA B 133 -11.32 -12.40 -8.30
C ALA B 133 -10.38 -11.20 -8.17
N PRO B 134 -10.82 -9.99 -8.42
CA PRO B 134 -9.90 -8.85 -8.40
C PRO B 134 -9.74 -8.26 -7.01
N GLU B 135 -10.68 -8.54 -6.12
CA GLU B 135 -10.70 -7.91 -4.80
C GLU B 135 -9.87 -8.66 -3.77
N ILE B 136 -9.38 -9.86 -4.08
CA ILE B 136 -8.60 -10.64 -3.13
C ILE B 136 -7.29 -11.08 -3.78
N SER B 137 -6.95 -10.47 -4.92
CA SER B 137 -5.74 -10.88 -5.61
C SER B 137 -4.47 -10.60 -4.83
N ASP B 138 -4.53 -9.78 -3.78
CA ASP B 138 -3.37 -9.57 -2.94
C ASP B 138 -3.11 -10.77 -2.04
N PHE B 139 -4.17 -11.33 -1.46
CA PHE B 139 -4.01 -12.41 -0.50
C PHE B 139 -3.56 -13.71 -1.16
N LEU B 140 -4.19 -14.06 -2.29
CA LEU B 140 -3.96 -15.36 -2.89
C LEU B 140 -2.51 -15.53 -3.31
N ARG B 141 -1.93 -16.67 -2.97
CA ARG B 141 -0.59 -17.05 -3.41
C ARG B 141 -0.76 -18.08 -4.52
N HIS B 142 -0.63 -17.64 -5.76
CA HIS B 142 -0.88 -18.51 -6.89
C HIS B 142 0.29 -19.45 -7.13
N GLU B 143 0.03 -20.50 -7.91
CA GLU B 143 1.08 -21.39 -8.39
C GLU B 143 0.64 -21.92 -9.74
N LEU B 144 1.60 -22.41 -10.51
CA LEU B 144 1.32 -22.89 -11.85
C LEU B 144 1.90 -24.29 -12.05
N ARG B 145 1.26 -25.06 -12.91
CA ARG B 145 1.80 -26.32 -13.40
C ARG B 145 1.80 -26.26 -14.92
N TYR B 146 2.96 -26.48 -15.51
CA TYR B 146 3.10 -26.42 -16.96
C TYR B 146 3.72 -27.73 -17.45
N GLY B 147 3.11 -28.32 -18.48
CA GLY B 147 3.62 -29.52 -19.08
C GLY B 147 3.66 -29.42 -20.58
N PRO B 148 4.59 -30.13 -21.21
CA PRO B 148 4.67 -30.14 -22.68
C PRO B 148 3.41 -30.73 -23.29
N THR B 149 3.09 -30.25 -24.50
CA THR B 149 1.89 -30.75 -25.19
C THR B 149 2.04 -32.23 -25.53
N ASP B 150 3.27 -32.68 -25.79
CA ASP B 150 3.49 -34.08 -26.14
C ASP B 150 3.08 -35.00 -25.00
N SER B 151 3.44 -34.63 -23.76
CA SER B 151 3.14 -35.42 -22.57
C SER B 151 3.66 -36.85 -22.72
N SER B 152 4.99 -36.95 -22.86
CA SER B 152 5.63 -38.24 -23.05
C SER B 152 5.53 -39.15 -21.82
N ASN B 153 5.21 -38.60 -20.65
CA ASN B 153 5.10 -39.36 -19.42
C ASN B 153 3.75 -39.16 -18.76
N ALA B 154 2.72 -38.90 -19.58
CA ALA B 154 1.35 -38.66 -19.12
C ALA B 154 1.39 -37.44 -18.20
N THR B 155 0.70 -37.45 -17.05
CA THR B 155 0.72 -36.31 -16.14
C THR B 155 1.83 -36.44 -15.10
N ALA B 156 3.04 -36.72 -15.56
CA ALA B 156 4.22 -36.73 -14.70
C ALA B 156 4.78 -35.32 -14.51
N PRO B 157 4.96 -34.50 -15.56
CA PRO B 157 5.53 -33.16 -15.35
C PRO B 157 4.57 -32.22 -14.63
N SER B 158 4.44 -32.40 -13.32
CA SER B 158 3.66 -31.51 -12.47
C SER B 158 4.52 -30.42 -11.83
N VAL B 159 5.55 -29.95 -12.54
CA VAL B 159 6.46 -28.97 -11.98
C VAL B 159 5.70 -27.72 -11.57
N ILE B 160 5.93 -27.26 -10.35
CA ILE B 160 5.21 -26.13 -9.78
C ILE B 160 6.21 -25.08 -9.34
N GLN B 161 6.01 -23.85 -9.79
CA GLN B 161 6.78 -22.70 -9.35
C GLN B 161 5.87 -21.78 -8.57
N LEU B 162 6.20 -21.55 -7.31
CA LEU B 162 5.37 -20.69 -6.47
C LEU B 162 5.43 -19.25 -6.96
N LEU B 163 4.28 -18.57 -6.93
CA LEU B 163 4.20 -17.18 -7.36
C LEU B 163 4.30 -16.25 -6.14
N SER B 164 5.53 -16.12 -5.65
CA SER B 164 5.80 -15.17 -4.59
C SER B 164 5.77 -13.75 -5.16
N THR B 165 5.74 -12.76 -4.27
CA THR B 165 5.64 -11.38 -4.69
C THR B 165 7.00 -10.76 -4.94
N GLU B 166 7.80 -11.36 -5.82
CA GLU B 166 9.09 -10.77 -6.16
C GLU B 166 8.89 -9.51 -7.00
N THR B 167 10.00 -8.80 -7.22
CA THR B 167 9.93 -7.52 -7.91
C THR B 167 9.51 -7.65 -9.36
N CYS B 168 9.52 -8.88 -9.90
CA CYS B 168 9.14 -9.10 -11.28
C CYS B 168 7.86 -9.91 -11.44
N CYS B 169 7.27 -10.42 -10.36
CA CYS B 169 6.00 -11.14 -10.42
C CYS B 169 5.01 -10.63 -9.37
N PRO B 170 4.63 -9.36 -9.43
CA PRO B 170 3.64 -8.84 -8.49
C PRO B 170 2.24 -8.88 -9.10
N THR B 171 1.24 -8.54 -8.27
CA THR B 171 -0.14 -8.48 -8.79
C THR B 171 -0.42 -7.06 -9.23
N LEU B 172 0.23 -6.62 -10.32
CA LEU B 172 0.08 -5.21 -10.79
C LEU B 172 -1.35 -4.99 -11.30
N TRP B 173 -1.74 -3.72 -11.43
CA TRP B 173 -3.12 -3.40 -11.90
C TRP B 173 -3.16 -3.35 -13.43
N MET B 174 -4.37 -3.49 -14.00
CA MET B 174 -4.54 -3.51 -15.45
C MET B 174 -3.44 -4.32 -16.13
N LYS B 204 -8.50 -5.94 -11.54
CA LYS B 204 -7.18 -5.96 -10.94
C LYS B 204 -6.21 -6.77 -11.79
N GLY B 205 -6.37 -8.09 -11.73
CA GLY B 205 -5.47 -8.94 -12.47
C GLY B 205 -4.09 -8.96 -11.84
N GLY B 206 -3.11 -9.28 -12.67
CA GLY B 206 -1.74 -9.36 -12.20
C GLY B 206 -0.83 -9.76 -13.33
N SER B 207 0.41 -10.06 -12.99
CA SER B 207 1.36 -10.52 -13.99
C SER B 207 2.47 -11.29 -13.30
N CYS B 208 3.22 -12.04 -14.09
CA CYS B 208 4.36 -12.77 -13.56
C CYS B 208 5.33 -13.06 -14.71
N LEU B 209 6.51 -13.50 -14.33
CA LEU B 209 7.63 -13.72 -15.23
C LEU B 209 8.29 -15.06 -14.95
N VAL B 210 7.47 -16.12 -14.89
CA VAL B 210 7.99 -17.44 -14.58
C VAL B 210 9.00 -17.86 -15.64
N SER B 211 10.16 -18.34 -15.19
CA SER B 211 11.24 -18.73 -16.07
C SER B 211 11.52 -20.22 -15.92
N GLY B 212 12.53 -20.69 -16.64
CA GLY B 212 12.91 -22.09 -16.61
C GLY B 212 12.21 -22.96 -17.64
N LEU B 213 11.24 -22.42 -18.37
CA LEU B 213 10.54 -23.19 -19.38
C LEU B 213 11.43 -23.32 -20.61
N GLN B 214 11.69 -24.57 -21.02
CA GLN B 214 12.62 -24.81 -22.12
C GLN B 214 12.01 -24.33 -23.44
N ALA B 215 12.89 -23.86 -24.33
CA ALA B 215 12.45 -23.39 -25.63
C ALA B 215 12.08 -24.56 -26.53
N GLY B 216 11.03 -24.39 -27.33
CA GLY B 216 10.59 -25.44 -28.22
C GLY B 216 9.09 -25.59 -28.30
N LYS B 217 8.61 -26.78 -27.96
CA LYS B 217 7.19 -27.09 -28.09
C LYS B 217 6.35 -26.19 -27.19
N SER B 218 5.17 -25.82 -27.69
CA SER B 218 4.26 -24.99 -26.91
C SER B 218 3.92 -25.67 -25.59
N TYR B 219 3.93 -24.88 -24.52
CA TYR B 219 3.71 -25.37 -23.17
C TYR B 219 2.27 -25.05 -22.77
N TRP B 220 1.52 -26.08 -22.37
CA TRP B 220 0.24 -25.85 -21.73
C TRP B 220 0.47 -25.67 -20.24
N LEU B 221 -0.17 -24.67 -19.66
CA LEU B 221 0.03 -24.33 -18.27
C LEU B 221 -1.30 -23.95 -17.64
N GLN B 222 -1.51 -24.40 -16.40
CA GLN B 222 -2.67 -24.05 -15.62
C GLN B 222 -2.21 -23.47 -14.30
N LEU B 223 -2.69 -22.28 -13.97
CA LEU B 223 -2.40 -21.68 -12.69
C LEU B 223 -3.52 -21.96 -11.72
N ARG B 224 -3.17 -22.16 -10.45
CA ARG B 224 -4.16 -22.28 -9.39
C ARG B 224 -3.77 -21.36 -8.24
N SER B 225 -4.78 -20.91 -7.51
CA SER B 225 -4.62 -19.87 -6.51
C SER B 225 -4.94 -20.42 -5.14
N GLN B 226 -4.05 -20.19 -4.18
CA GLN B 226 -4.26 -20.54 -2.79
C GLN B 226 -3.91 -19.36 -1.91
N PRO B 227 -4.70 -19.10 -0.87
CA PRO B 227 -4.39 -17.99 0.03
C PRO B 227 -3.05 -18.17 0.71
N ASP B 228 -2.39 -17.05 1.00
CA ASP B 228 -1.00 -17.08 1.43
C ASP B 228 -0.83 -17.83 2.74
N GLY B 229 -1.72 -17.60 3.69
CA GLY B 229 -1.63 -18.19 5.02
C GLY B 229 -1.30 -17.20 6.11
N VAL B 230 -0.68 -16.06 5.76
CA VAL B 230 -0.40 -15.04 6.76
C VAL B 230 -1.70 -14.46 7.30
N SER B 231 -2.66 -14.19 6.43
CA SER B 231 -3.98 -13.75 6.86
C SER B 231 -5.11 -14.66 6.38
N LEU B 232 -5.08 -15.09 5.13
CA LEU B 232 -6.08 -15.99 4.57
C LEU B 232 -5.48 -17.37 4.33
N ARG B 233 -6.21 -18.41 4.69
CA ARG B 233 -5.73 -19.78 4.61
C ARG B 233 -6.69 -20.63 3.81
N GLY B 234 -6.17 -21.72 3.26
CA GLY B 234 -7.01 -22.61 2.48
C GLY B 234 -6.17 -23.54 1.64
N SER B 235 -6.87 -24.35 0.84
CA SER B 235 -6.27 -25.34 -0.02
C SER B 235 -6.01 -24.76 -1.41
N TRP B 236 -5.08 -25.37 -2.13
CA TRP B 236 -4.78 -24.92 -3.48
C TRP B 236 -6.02 -25.05 -4.36
N GLY B 237 -6.26 -24.02 -5.16
CA GLY B 237 -7.44 -23.97 -6.00
C GLY B 237 -7.41 -24.96 -7.14
N PRO B 238 -8.55 -25.14 -7.81
CA PRO B 238 -8.57 -26.01 -8.99
C PRO B 238 -7.66 -25.46 -10.07
N TRP B 239 -7.05 -26.38 -10.83
CA TRP B 239 -6.20 -25.96 -11.93
C TRP B 239 -7.01 -25.23 -12.99
N SER B 240 -6.32 -24.40 -13.75
CA SER B 240 -6.94 -23.65 -14.84
C SER B 240 -7.19 -24.57 -16.04
N PHE B 241 -7.98 -24.07 -16.97
CA PHE B 241 -8.12 -24.74 -18.25
C PHE B 241 -6.78 -24.70 -18.96
N PRO B 242 -6.23 -25.84 -19.40
CA PRO B 242 -4.90 -25.83 -20.02
C PRO B 242 -4.89 -24.96 -21.27
N VAL B 243 -4.12 -23.87 -21.20
CA VAL B 243 -4.00 -22.93 -22.31
C VAL B 243 -2.69 -23.21 -23.04
N THR B 244 -2.79 -23.41 -24.35
CA THR B 244 -1.63 -23.81 -25.15
C THR B 244 -0.87 -22.58 -25.64
N VAL B 245 -0.24 -21.90 -24.69
CA VAL B 245 0.65 -20.81 -25.06
C VAL B 245 1.97 -21.39 -25.56
N ASP B 246 2.74 -20.55 -26.24
CA ASP B 246 4.01 -20.96 -26.80
C ASP B 246 5.07 -19.91 -26.52
N LEU B 247 6.32 -20.36 -26.57
CA LEU B 247 7.45 -19.46 -26.42
C LEU B 247 8.25 -19.40 -27.71
N PRO B 248 8.87 -18.27 -28.02
CA PRO B 248 9.46 -18.09 -29.36
C PRO B 248 10.78 -18.83 -29.55
N GLY B 249 10.83 -20.09 -29.12
CA GLY B 249 11.97 -20.95 -29.43
C GLY B 249 13.28 -20.36 -28.99
N ASP B 250 14.32 -20.61 -29.78
CA ASP B 250 15.67 -20.17 -29.49
C ASP B 250 16.44 -20.01 -30.80
N ALA B 251 17.53 -19.26 -30.73
CA ALA B 251 18.41 -19.08 -31.88
C ALA B 251 19.79 -19.65 -31.58
N LYS B 264 27.50 4.01 -31.93
CA LYS B 264 27.60 2.63 -31.48
C LYS B 264 26.37 1.83 -31.89
N MET B 265 26.38 1.31 -33.11
CA MET B 265 25.29 0.51 -33.64
C MET B 265 25.72 -0.95 -33.76
N VAL B 266 24.77 -1.85 -33.56
CA VAL B 266 25.00 -3.28 -33.60
C VAL B 266 24.14 -3.88 -34.71
N THR B 267 24.73 -4.76 -35.50
CA THR B 267 24.06 -5.41 -36.62
C THR B 267 23.72 -6.85 -36.23
N CYS B 268 22.48 -7.24 -36.45
CA CYS B 268 22.00 -8.59 -36.15
C CYS B 268 22.08 -9.42 -37.44
N GLN B 269 23.13 -10.22 -37.56
CA GLN B 269 23.36 -11.03 -38.75
C GLN B 269 22.59 -12.34 -38.63
N TRP B 270 21.37 -12.33 -39.17
CA TRP B 270 20.50 -13.50 -39.18
C TRP B 270 20.12 -13.87 -40.60
N GLN B 271 19.95 -15.17 -40.83
CA GLN B 271 19.59 -15.70 -42.13
C GLN B 271 18.29 -16.50 -42.01
N GLN B 272 17.39 -16.30 -42.97
CA GLN B 272 16.12 -17.00 -43.01
C GLN B 272 16.23 -18.26 -43.87
N GLN B 273 15.40 -19.24 -43.55
CA GLN B 273 15.39 -20.49 -44.31
C GLN B 273 14.55 -20.32 -45.58
N ASP B 274 14.38 -21.42 -46.30
CA ASP B 274 13.71 -21.38 -47.59
C ASP B 274 12.21 -21.17 -47.43
N ARG B 275 11.61 -20.54 -48.44
CA ARG B 275 10.18 -20.23 -48.53
C ARG B 275 9.60 -19.82 -47.18
N THR B 276 10.20 -18.78 -46.60
CA THR B 276 9.78 -18.25 -45.32
C THR B 276 9.87 -16.73 -45.34
N SER B 277 9.43 -16.09 -44.25
CA SER B 277 9.39 -14.65 -44.12
C SER B 277 10.45 -14.18 -43.12
N SER B 278 10.45 -12.88 -42.86
CA SER B 278 11.40 -12.28 -41.92
C SER B 278 10.80 -10.99 -41.40
N GLN B 279 10.42 -10.98 -40.12
CA GLN B 279 9.85 -9.80 -39.49
C GLN B 279 10.06 -9.90 -37.99
N GLY B 280 9.86 -8.78 -37.31
CA GLY B 280 10.00 -8.76 -35.86
C GLY B 280 9.77 -7.36 -35.33
N PHE B 281 10.00 -7.24 -34.02
CA PHE B 281 9.83 -5.96 -33.33
C PHE B 281 10.99 -5.76 -32.36
N PHE B 282 11.10 -4.55 -31.84
CA PHE B 282 12.13 -4.20 -30.87
C PHE B 282 11.48 -3.31 -29.81
N ARG B 283 11.46 -3.80 -28.57
CA ARG B 283 10.80 -3.08 -27.48
C ARG B 283 11.82 -2.24 -26.72
N HIS B 284 11.58 -0.93 -26.67
CA HIS B 284 12.41 -0.03 -25.88
C HIS B 284 11.75 0.21 -24.52
N SER B 285 11.65 -0.88 -23.76
CA SER B 285 11.00 -0.81 -22.46
C SER B 285 11.84 -0.04 -21.44
N ARG B 286 13.12 0.17 -21.72
CA ARG B 286 14.03 0.89 -20.82
C ARG B 286 14.13 0.22 -19.45
N THR B 287 13.94 -1.10 -19.42
CA THR B 287 13.99 -1.96 -18.23
C THR B 287 13.42 -1.29 -16.99
N ARG B 288 12.29 -0.58 -17.16
CA ARG B 288 11.67 0.08 -16.02
C ARG B 288 11.10 -0.94 -15.03
N CYS B 289 10.37 -1.92 -15.53
CA CYS B 289 9.79 -2.96 -14.69
C CYS B 289 9.83 -4.29 -15.44
N CYS B 290 10.01 -5.38 -14.69
CA CYS B 290 10.03 -6.70 -15.31
C CYS B 290 8.75 -7.04 -16.05
N PRO B 291 7.56 -6.88 -15.47
CA PRO B 291 6.34 -7.23 -16.20
C PRO B 291 5.92 -6.12 -17.15
N THR B 292 4.98 -6.45 -18.02
CA THR B 292 4.41 -5.50 -18.96
C THR B 292 2.88 -5.65 -18.94
N ASP B 293 2.20 -4.78 -19.68
CA ASP B 293 0.75 -4.85 -19.76
C ASP B 293 0.34 -5.93 -20.77
N ARG B 294 -0.98 -6.07 -20.96
CA ARG B 294 -1.49 -7.13 -21.80
C ARG B 294 -1.02 -6.98 -23.25
N ASP B 295 -1.01 -5.75 -23.77
CA ASP B 295 -0.65 -5.51 -25.15
C ASP B 295 0.86 -5.31 -25.27
N PRO B 296 1.58 -6.17 -25.96
CA PRO B 296 3.01 -5.94 -26.17
C PRO B 296 3.26 -4.77 -27.11
N THR B 297 4.41 -4.13 -26.94
CA THR B 297 4.80 -3.05 -27.84
C THR B 297 5.12 -3.61 -29.22
N TRP B 298 4.73 -2.86 -30.26
CA TRP B 298 4.98 -3.24 -31.64
C TRP B 298 5.81 -2.16 -32.30
N GLU B 299 6.92 -2.56 -32.93
CA GLU B 299 7.84 -1.65 -33.61
C GLU B 299 8.32 -2.34 -34.88
N LYS B 300 7.99 -1.78 -36.03
CA LYS B 300 8.31 -2.42 -37.30
C LYS B 300 9.81 -2.48 -37.52
N CYS B 301 10.31 -3.64 -37.90
CA CYS B 301 11.73 -3.88 -38.15
C CYS B 301 12.03 -3.42 -39.57
N GLU B 302 12.31 -2.14 -39.72
CA GLU B 302 12.59 -1.54 -41.02
C GLU B 302 14.10 -1.51 -41.24
N GLU B 303 14.54 -2.03 -42.39
CA GLU B 303 15.96 -2.10 -42.69
C GLU B 303 16.52 -0.71 -43.03
N SER B 316 18.03 -8.93 -41.73
CA SER B 316 19.46 -9.05 -41.46
C SER B 316 20.12 -7.67 -41.43
N ARG B 317 19.46 -6.69 -42.04
CA ARG B 317 19.97 -5.33 -42.13
C ARG B 317 19.03 -4.34 -41.44
N CYS B 318 18.33 -4.80 -40.40
CA CYS B 318 17.38 -3.95 -39.70
C CYS B 318 18.11 -2.84 -38.95
N HIS B 319 17.60 -1.62 -39.09
CA HIS B 319 18.19 -0.45 -38.45
C HIS B 319 17.12 0.29 -37.66
N PHE B 320 17.45 0.63 -36.41
CA PHE B 320 16.52 1.35 -35.55
C PHE B 320 17.31 2.18 -34.56
N LYS B 321 16.65 3.18 -34.00
CA LYS B 321 17.25 4.07 -33.02
C LYS B 321 16.84 3.62 -31.62
N SER B 322 17.83 3.48 -30.74
CA SER B 322 17.61 3.01 -29.38
C SER B 322 18.32 3.93 -28.40
N ARG B 323 17.82 3.95 -27.16
CA ARG B 323 18.43 4.77 -26.13
C ARG B 323 19.82 4.25 -25.78
N ASN B 324 20.67 5.16 -25.31
CA ASN B 324 22.00 4.78 -24.87
C ASN B 324 21.92 3.89 -23.64
N ASP B 325 22.85 2.91 -23.58
CA ASP B 325 22.93 1.91 -22.52
C ASP B 325 21.55 1.41 -22.09
N SER B 326 20.77 0.99 -23.08
CA SER B 326 19.41 0.52 -22.86
C SER B 326 19.27 -0.92 -23.35
N VAL B 327 18.32 -1.63 -22.75
CA VAL B 327 18.10 -3.03 -23.13
C VAL B 327 17.39 -3.09 -24.48
N ILE B 328 17.58 -4.22 -25.17
CA ILE B 328 16.99 -4.47 -26.48
C ILE B 328 16.17 -5.75 -26.38
N HIS B 329 14.88 -5.65 -26.70
CA HIS B 329 13.99 -6.81 -26.75
C HIS B 329 13.80 -7.19 -28.22
N ILE B 330 14.81 -7.86 -28.76
CA ILE B 330 14.78 -8.24 -30.17
C ILE B 330 13.82 -9.40 -30.37
N LEU B 331 13.41 -9.60 -31.62
CA LEU B 331 12.52 -10.71 -31.96
C LEU B 331 12.61 -10.96 -33.46
N VAL B 332 12.77 -12.23 -33.83
CA VAL B 332 12.78 -12.64 -35.23
C VAL B 332 11.62 -13.61 -35.41
N GLU B 333 10.66 -13.23 -36.26
CA GLU B 333 9.44 -14.02 -36.47
C GLU B 333 9.41 -14.53 -37.90
N VAL B 334 9.17 -15.84 -38.04
CA VAL B 334 9.10 -16.49 -39.34
C VAL B 334 7.74 -17.16 -39.45
N THR B 335 7.01 -16.84 -40.51
CA THR B 335 5.71 -17.45 -40.78
C THR B 335 5.72 -18.00 -42.19
N THR B 336 5.40 -19.28 -42.33
CA THR B 336 5.42 -19.94 -43.63
C THR B 336 4.15 -19.58 -44.42
N ALA B 337 4.03 -20.18 -45.60
CA ALA B 337 2.87 -19.94 -46.45
C ALA B 337 1.58 -20.40 -45.78
N GLN B 338 1.64 -21.56 -45.09
CA GLN B 338 0.46 -22.06 -44.40
C GLN B 338 0.02 -21.12 -43.28
N GLY B 339 0.98 -20.59 -42.53
CA GLY B 339 0.67 -19.69 -41.45
C GLY B 339 0.79 -20.31 -40.08
N ALA B 340 1.88 -20.00 -39.37
CA ALA B 340 2.12 -20.55 -38.05
C ALA B 340 3.11 -19.66 -37.33
N VAL B 341 3.33 -19.96 -36.05
CA VAL B 341 4.26 -19.23 -35.20
C VAL B 341 5.57 -20.01 -35.16
N HIS B 342 6.63 -19.39 -35.68
CA HIS B 342 7.96 -20.02 -35.68
C HIS B 342 8.98 -18.89 -35.55
N SER B 343 9.51 -18.72 -34.34
CA SER B 343 10.32 -17.56 -34.02
C SER B 343 11.67 -17.98 -33.45
N TYR B 344 12.68 -17.14 -33.68
CA TYR B 344 14.02 -17.30 -33.11
C TYR B 344 14.30 -16.06 -32.27
N LEU B 345 14.33 -16.23 -30.95
CA LEU B 345 14.53 -15.12 -30.03
C LEU B 345 15.96 -15.13 -29.51
N GLY B 346 16.56 -13.95 -29.45
CA GLY B 346 17.92 -13.78 -28.96
C GLY B 346 17.93 -13.09 -27.61
N SER B 347 18.94 -13.39 -26.80
CA SER B 347 19.01 -12.83 -25.46
C SER B 347 19.20 -11.32 -25.52
N PRO B 348 18.59 -10.59 -24.58
CA PRO B 348 18.74 -9.14 -24.56
C PRO B 348 20.17 -8.72 -24.24
N PHE B 349 20.56 -7.55 -24.74
CA PHE B 349 21.87 -6.98 -24.49
C PHE B 349 21.70 -5.59 -23.87
N TRP B 350 22.65 -5.21 -23.04
CA TRP B 350 22.62 -3.90 -22.38
C TRP B 350 22.96 -2.79 -23.37
N VAL C 3 6.31 29.42 6.55
CA VAL C 3 5.69 30.10 5.42
C VAL C 3 4.19 30.19 5.62
N PHE C 4 3.60 31.30 5.17
CA PHE C 4 2.17 31.55 5.30
C PHE C 4 1.44 31.55 3.96
N LEU C 5 1.93 32.30 2.99
CA LEU C 5 1.29 32.44 1.68
C LEU C 5 1.50 31.22 0.80
N LEU C 6 2.62 30.52 0.98
CA LEU C 6 2.98 29.37 0.16
C LEU C 6 3.03 29.74 -1.32
N THR C 10 -4.83 28.59 -2.62
CA THR C 10 -5.84 28.82 -3.65
C THR C 10 -7.09 29.44 -3.03
N GLU C 11 -7.62 28.76 -2.02
CA GLU C 11 -8.78 29.27 -1.28
C GLU C 11 -8.41 30.57 -0.58
N PRO C 12 -9.22 31.61 -0.68
CA PRO C 12 -8.91 32.86 0.05
C PRO C 12 -8.84 32.69 1.56
N LEU C 13 -9.45 31.64 2.11
CA LEU C 13 -9.40 31.35 3.55
C LEU C 13 -8.46 30.20 3.84
N ASN C 14 -7.34 30.11 3.13
CA ASN C 14 -6.45 28.95 3.25
C ASN C 14 -5.96 28.79 4.68
N CYS C 15 -6.05 27.56 5.20
CA CYS C 15 -5.69 27.28 6.58
C CYS C 15 -4.39 26.49 6.66
N PHE C 16 -3.84 26.42 7.87
CA PHE C 16 -2.43 26.12 8.08
C PHE C 16 -2.31 25.41 9.41
N SER C 17 -2.00 24.10 9.37
CA SER C 17 -1.85 23.29 10.58
C SER C 17 -0.49 22.63 10.54
N GLN C 18 0.32 22.87 11.57
CA GLN C 18 1.70 22.41 11.59
C GLN C 18 1.90 21.10 12.36
N THR C 19 1.01 20.78 13.30
CA THR C 19 1.16 19.56 14.06
C THR C 19 -0.17 18.81 14.21
N PHE C 20 -1.20 19.20 13.46
CA PHE C 20 -2.54 18.63 13.55
C PHE C 20 -3.10 18.73 14.97
N GLU C 21 -2.49 19.58 15.79
CA GLU C 21 -3.05 19.98 17.08
C GLU C 21 -3.16 21.49 17.20
N ASP C 22 -2.90 22.23 16.12
CA ASP C 22 -2.98 23.68 16.10
C ASP C 22 -3.39 24.13 14.71
N LEU C 23 -4.21 25.16 14.63
CA LEU C 23 -4.69 25.69 13.36
C LEU C 23 -4.57 27.20 13.34
N THR C 24 -4.33 27.74 12.15
CA THR C 24 -4.18 29.18 11.98
C THR C 24 -4.44 29.54 10.53
N CYS C 25 -5.36 30.47 10.29
CA CYS C 25 -5.63 30.93 8.94
C CYS C 25 -6.23 32.33 8.96
N PHE C 26 -6.44 32.87 7.76
CA PHE C 26 -6.53 34.30 7.54
C PHE C 26 -7.29 34.56 6.25
N TRP C 27 -7.52 35.84 5.96
CA TRP C 27 -7.99 36.27 4.66
C TRP C 27 -7.06 37.37 4.16
N ASP C 28 -6.64 37.25 2.90
CA ASP C 28 -5.74 38.22 2.28
C ASP C 28 -6.56 39.38 1.73
N GLU C 29 -6.33 40.58 2.26
CA GLU C 29 -7.03 41.78 1.82
C GLU C 29 -6.00 42.84 1.45
N GLU C 30 -6.08 43.34 0.21
CA GLU C 30 -5.14 44.34 -0.24
C GLU C 30 -5.45 45.70 0.38
N GLU C 31 -6.72 45.97 0.68
CA GLU C 31 -7.13 47.25 1.22
C GLU C 31 -6.98 47.26 2.74
N ALA C 32 -6.21 48.21 3.25
CA ALA C 32 -6.09 48.37 4.69
C ALA C 32 -7.39 48.89 5.28
N ALA C 33 -7.75 48.36 6.45
CA ALA C 33 -8.99 48.72 7.10
C ALA C 33 -8.74 49.03 8.56
N PRO C 34 -9.53 49.94 9.15
CA PRO C 34 -9.38 50.22 10.58
C PRO C 34 -9.72 49.02 11.44
N SER C 35 -9.11 48.95 12.62
CA SER C 35 -9.37 47.86 13.53
C SER C 35 -10.82 47.85 13.97
N GLY C 36 -11.43 46.66 13.96
CA GLY C 36 -12.83 46.53 14.31
C GLY C 36 -13.65 45.88 13.23
N THR C 37 -14.75 45.21 13.62
CA THR C 37 -15.63 44.51 12.70
C THR C 37 -14.87 43.48 11.87
N TYR C 38 -13.89 42.84 12.50
CA TYR C 38 -13.05 41.83 11.84
C TYR C 38 -12.75 40.74 12.86
N GLN C 39 -13.42 39.60 12.71
CA GLN C 39 -13.19 38.45 13.57
C GLN C 39 -13.32 37.19 12.73
N LEU C 40 -12.62 36.14 13.16
CA LEU C 40 -12.70 34.85 12.53
C LEU C 40 -13.39 33.88 13.49
N LEU C 41 -14.47 33.27 13.04
CA LEU C 41 -15.29 32.39 13.87
C LEU C 41 -15.10 30.96 13.41
N TYR C 42 -15.12 30.04 14.37
CA TYR C 42 -14.96 28.62 14.10
C TYR C 42 -16.04 27.83 14.83
N ALA C 43 -16.49 26.74 14.20
CA ALA C 43 -17.55 25.91 14.80
C ALA C 43 -17.45 24.48 14.26
N TYR C 44 -16.75 23.60 14.98
CA TYR C 44 -16.67 22.18 14.55
C TYR C 44 -18.10 21.67 14.36
N ARG C 45 -18.48 21.37 13.12
CA ARG C 45 -19.87 20.92 12.83
C ARG C 45 -20.86 21.92 13.45
N GLY C 46 -21.61 21.51 14.47
CA GLY C 46 -22.65 22.40 15.05
C GLY C 46 -22.26 22.93 16.41
N GLU C 47 -20.95 23.08 16.69
CA GLU C 47 -20.49 23.65 17.98
C GLU C 47 -20.81 25.16 18.02
N LYS C 48 -21.11 25.69 19.21
CA LYS C 48 -21.35 27.12 19.32
C LYS C 48 -20.14 27.90 18.82
N PRO C 49 -20.32 28.83 17.89
CA PRO C 49 -19.17 29.57 17.34
C PRO C 49 -18.47 30.39 18.41
N ARG C 50 -17.14 30.45 18.31
CA ARG C 50 -16.31 31.22 19.23
C ARG C 50 -15.45 32.20 18.44
N ALA C 51 -15.04 33.26 19.12
CA ALA C 51 -14.21 34.29 18.50
C ALA C 51 -12.73 33.92 18.66
N CYS C 52 -12.08 33.60 17.54
CA CYS C 52 -10.66 33.29 17.57
C CYS C 52 -9.87 34.55 17.94
N PRO C 53 -8.83 34.43 18.76
CA PRO C 53 -8.00 35.60 19.07
C PRO C 53 -7.31 36.14 17.84
N LEU C 54 -7.72 37.33 17.41
CA LEU C 54 -7.33 37.89 16.12
C LEU C 54 -6.46 39.12 16.32
N TYR C 55 -5.34 39.19 15.60
CA TYR C 55 -4.53 40.39 15.50
C TYR C 55 -4.36 40.75 14.04
N SER C 56 -4.30 42.04 13.76
CA SER C 56 -4.17 42.53 12.40
C SER C 56 -2.69 42.69 12.05
N GLN C 57 -2.24 41.98 11.03
CA GLN C 57 -0.86 42.03 10.57
C GLN C 57 -0.85 42.70 9.20
N SER C 58 -0.42 43.96 9.16
CA SER C 58 -0.38 44.74 7.93
C SER C 58 0.88 44.36 7.17
N VAL C 59 0.74 43.41 6.25
CA VAL C 59 1.88 42.98 5.43
C VAL C 59 2.32 44.14 4.55
N PRO C 60 3.62 44.44 4.45
CA PRO C 60 4.06 45.60 3.67
C PRO C 60 3.94 45.34 2.17
N THR C 61 3.41 46.32 1.46
CA THR C 61 3.31 46.33 -0.01
C THR C 61 2.52 45.14 -0.55
N PHE C 62 1.74 44.47 0.29
CA PHE C 62 0.92 43.35 -0.17
C PHE C 62 -0.48 43.33 0.41
N GLY C 63 -0.83 44.27 1.29
CA GLY C 63 -2.16 44.29 1.87
C GLY C 63 -2.16 44.25 3.38
N THR C 64 -3.09 43.49 3.96
CA THR C 64 -3.16 43.36 5.41
C THR C 64 -3.76 42.00 5.74
N ARG C 65 -2.97 41.12 6.35
CA ARG C 65 -3.45 39.82 6.76
C ARG C 65 -4.21 39.91 8.08
N TYR C 66 -4.99 38.88 8.36
CA TYR C 66 -5.77 38.77 9.59
C TYR C 66 -5.61 37.39 10.20
N VAL C 67 -4.37 36.95 10.33
CA VAL C 67 -4.09 35.63 10.89
C VAL C 67 -4.54 35.58 12.35
N CYS C 68 -5.08 34.44 12.75
CA CYS C 68 -5.45 34.23 14.14
C CYS C 68 -5.05 32.82 14.54
N GLN C 69 -4.82 32.62 15.83
CA GLN C 69 -4.42 31.34 16.38
C GLN C 69 -5.44 30.87 17.40
N PHE C 70 -5.75 29.58 17.37
CA PHE C 70 -6.74 29.01 18.27
C PHE C 70 -6.24 29.06 19.71
N PRO C 71 -7.15 29.15 20.69
CA PRO C 71 -6.72 29.35 22.08
C PRO C 71 -5.88 28.21 22.64
N ALA C 72 -6.42 27.00 22.60
CA ALA C 72 -5.73 25.83 23.14
C ALA C 72 -5.45 24.84 22.02
N GLN C 73 -4.57 23.88 22.31
CA GLN C 73 -4.17 22.90 21.32
C GLN C 73 -5.03 21.65 21.35
N ASP C 74 -5.53 21.26 22.52
CA ASP C 74 -6.42 20.10 22.61
C ASP C 74 -7.78 20.37 21.97
N GLU C 75 -8.10 21.62 21.68
CA GLU C 75 -9.38 21.94 21.06
C GLU C 75 -9.43 21.53 19.60
N VAL C 76 -8.23 21.24 19.05
CA VAL C 76 -8.13 20.80 17.63
C VAL C 76 -8.65 19.36 17.61
N ARG C 77 -9.17 18.86 16.48
CA ARG C 77 -9.72 17.49 16.39
C ARG C 77 -9.67 17.06 14.92
N LEU C 78 -9.00 15.93 14.67
CA LEU C 78 -9.00 15.36 13.30
C LEU C 78 -10.37 14.75 13.01
N PHE C 79 -10.74 14.62 11.73
CA PHE C 79 -12.03 13.98 11.32
C PHE C 79 -13.20 14.80 11.87
N PHE C 80 -13.33 16.06 11.42
CA PHE C 80 -14.44 16.93 11.87
C PHE C 80 -14.57 18.11 10.92
N PRO C 81 -15.78 18.44 10.40
CA PRO C 81 -15.95 19.63 9.55
C PRO C 81 -15.77 20.90 10.37
N LEU C 82 -14.99 21.81 9.83
CA LEU C 82 -14.73 23.10 10.46
C LEU C 82 -15.29 24.20 9.57
N HIS C 83 -16.26 24.95 10.07
CA HIS C 83 -16.89 26.04 9.35
C HIS C 83 -16.32 27.37 9.82
N LEU C 84 -15.78 28.15 8.90
CA LEU C 84 -15.18 29.45 9.20
C LEU C 84 -15.96 30.51 8.44
N TRP C 85 -16.91 31.15 9.12
CA TRP C 85 -17.73 32.19 8.53
C TRP C 85 -17.77 33.42 9.44
N VAL C 86 -17.95 34.58 8.82
CA VAL C 86 -18.08 35.84 9.55
C VAL C 86 -19.53 36.28 9.37
N LYS C 87 -20.36 35.91 10.33
CA LYS C 87 -21.80 36.19 10.27
C LYS C 87 -22.12 37.25 11.31
N ASN C 88 -22.63 38.39 10.84
CA ASN C 88 -23.01 39.49 11.71
C ASN C 88 -24.49 39.79 11.54
N VAL C 89 -25.21 39.88 12.66
CA VAL C 89 -26.64 40.18 12.60
C VAL C 89 -26.86 41.60 12.11
N SER C 90 -26.04 42.54 12.57
CA SER C 90 -26.19 43.95 12.21
C SER C 90 -25.46 44.29 10.91
N LEU C 91 -24.17 43.97 10.83
CA LEU C 91 -23.40 44.30 9.64
C LEU C 91 -23.85 43.53 8.42
N ASN C 92 -24.24 42.26 8.60
CA ASN C 92 -24.69 41.41 7.50
C ASN C 92 -23.65 41.31 6.38
N GLN C 93 -22.39 41.19 6.79
CA GLN C 93 -21.28 41.08 5.84
C GLN C 93 -20.47 39.83 6.12
N THR C 94 -20.12 39.11 5.05
CA THR C 94 -19.28 37.93 5.12
C THR C 94 -18.24 38.00 4.02
N LEU C 95 -16.97 37.85 4.38
CA LEU C 95 -15.90 38.05 3.41
C LEU C 95 -15.55 36.76 2.68
N ILE C 96 -15.14 35.72 3.43
CA ILE C 96 -14.71 34.46 2.84
C ILE C 96 -15.48 33.32 3.51
N GLN C 97 -15.62 32.22 2.77
CA GLN C 97 -16.31 31.03 3.25
C GLN C 97 -15.39 29.83 3.07
N ARG C 98 -15.38 28.93 4.05
CA ARG C 98 -14.60 27.70 3.93
C ARG C 98 -15.06 26.64 4.93
N VAL C 99 -15.32 25.43 4.43
CA VAL C 99 -15.58 24.27 5.27
C VAL C 99 -14.49 23.26 4.99
N LEU C 100 -13.78 22.83 6.03
CA LEU C 100 -12.58 22.05 5.83
C LEU C 100 -12.35 21.12 7.01
N PHE C 101 -11.55 20.08 6.78
CA PHE C 101 -11.16 19.12 7.79
C PHE C 101 -9.68 19.30 8.12
N VAL C 102 -9.37 19.37 9.41
CA VAL C 102 -8.01 19.70 9.84
C VAL C 102 -7.01 18.68 9.36
N ASP C 103 -7.44 17.45 9.15
CA ASP C 103 -6.60 16.42 8.57
C ASP C 103 -6.69 16.36 7.06
N SER C 104 -7.47 17.23 6.44
CA SER C 104 -7.53 17.37 4.99
C SER C 104 -6.82 18.62 4.51
N VAL C 105 -6.27 19.42 5.43
CA VAL C 105 -5.68 20.70 5.08
C VAL C 105 -4.33 20.94 5.74
N GLY C 106 -3.91 20.11 6.68
CA GLY C 106 -2.73 20.44 7.46
C GLY C 106 -1.48 20.49 6.60
N LEU C 107 -0.62 21.44 6.92
CA LEU C 107 0.71 21.57 6.34
C LEU C 107 1.72 21.35 7.45
N PRO C 108 1.91 20.10 7.87
CA PRO C 108 2.61 19.86 9.14
C PRO C 108 4.07 20.27 9.09
N ALA C 109 4.60 20.53 10.28
CA ALA C 109 5.91 21.14 10.42
C ALA C 109 7.01 20.22 9.89
N PRO C 110 8.09 20.80 9.40
CA PRO C 110 9.23 20.00 8.98
C PRO C 110 9.96 19.43 10.18
N PRO C 111 10.72 18.35 10.00
CA PRO C 111 11.55 17.85 11.10
C PRO C 111 12.56 18.90 11.56
N ARG C 112 12.77 18.95 12.88
CA ARG C 112 13.56 20.02 13.46
C ARG C 112 15.06 19.73 13.37
N VAL C 113 15.49 18.55 13.79
CA VAL C 113 16.89 18.15 13.74
C VAL C 113 17.04 17.01 12.75
N ILE C 114 18.01 17.15 11.84
CA ILE C 114 18.11 16.29 10.68
C ILE C 114 19.47 15.59 10.68
N LYS C 115 19.97 15.27 11.87
CA LYS C 115 21.32 14.71 12.01
C LYS C 115 21.57 13.63 10.97
N ALA C 116 22.55 13.86 10.12
CA ALA C 116 22.92 12.93 9.06
C ALA C 116 24.36 12.49 9.27
N ARG C 117 24.56 11.20 9.51
CA ARG C 117 25.88 10.66 9.79
C ARG C 117 26.59 10.17 8.55
N GLY C 118 25.96 10.27 7.38
CA GLY C 118 26.55 9.75 6.16
C GLY C 118 26.32 8.28 5.91
N GLY C 119 25.71 7.56 6.86
CA GLY C 119 25.33 6.20 6.64
C GLY C 119 26.49 5.22 6.65
N SER C 120 26.17 3.99 6.29
CA SER C 120 27.16 2.93 6.15
C SER C 120 27.52 2.65 4.69
N GLN C 121 26.57 2.80 3.79
CA GLN C 121 26.83 2.66 2.37
C GLN C 121 27.77 3.78 1.91
N PRO C 122 28.54 3.56 0.84
CA PRO C 122 29.59 4.52 0.47
C PRO C 122 29.06 5.92 0.19
N GLY C 123 28.19 6.06 -0.82
CA GLY C 123 27.50 7.31 -1.03
C GLY C 123 26.11 7.22 -0.44
N GLU C 124 25.91 7.75 0.76
CA GLU C 124 24.72 7.43 1.53
C GLU C 124 24.41 8.59 2.46
N LEU C 125 23.17 8.62 2.95
CA LEU C 125 22.71 9.73 3.78
C LEU C 125 21.66 9.19 4.76
N GLN C 126 22.06 9.03 6.02
CA GLN C 126 21.17 8.54 7.08
C GLN C 126 20.51 9.73 7.75
N ILE C 127 19.26 9.99 7.37
CA ILE C 127 18.53 11.15 7.87
C ILE C 127 17.74 10.69 9.09
N HIS C 128 18.37 10.78 10.26
CA HIS C 128 17.71 10.35 11.50
C HIS C 128 17.04 11.54 12.18
N TRP C 129 15.95 11.99 11.57
CA TRP C 129 15.20 13.09 12.16
C TRP C 129 14.38 12.60 13.35
N GLU C 130 14.09 13.51 14.26
CA GLU C 130 13.40 13.16 15.49
C GLU C 130 11.90 13.45 15.46
N ALA C 131 11.37 13.90 14.32
CA ALA C 131 9.93 13.98 14.13
C ALA C 131 9.25 14.88 15.16
N PRO C 132 9.39 16.20 15.04
CA PRO C 132 8.82 17.10 16.06
C PRO C 132 7.31 16.97 16.20
N ALA C 133 6.63 16.48 15.18
CA ALA C 133 5.20 16.26 15.31
C ALA C 133 4.93 15.24 16.41
N PRO C 134 3.92 15.45 17.25
CA PRO C 134 3.78 14.67 18.49
C PRO C 134 3.61 13.17 18.26
N GLU C 135 2.55 12.76 17.57
CA GLU C 135 2.25 11.35 17.41
C GLU C 135 1.79 11.03 16.00
N ILE C 136 2.30 11.74 15.00
CA ILE C 136 1.88 11.51 13.63
C ILE C 136 3.09 11.28 12.75
N SER C 137 4.19 10.81 13.34
CA SER C 137 5.34 10.46 12.52
C SER C 137 5.10 9.21 11.69
N ASP C 138 4.02 8.49 11.96
CA ASP C 138 3.66 7.28 11.23
C ASP C 138 2.71 7.56 10.08
N PHE C 139 2.32 8.81 9.85
CA PHE C 139 1.29 9.15 8.89
C PHE C 139 1.65 10.40 8.10
N LEU C 140 2.94 10.61 7.85
CA LEU C 140 3.41 11.78 7.10
C LEU C 140 4.40 11.29 6.06
N ARG C 141 4.04 11.37 4.79
CA ARG C 141 4.94 10.99 3.71
C ARG C 141 5.96 12.10 3.54
N HIS C 142 7.06 12.00 4.26
CA HIS C 142 8.09 13.02 4.22
C HIS C 142 8.73 13.08 2.84
N GLU C 143 9.20 14.28 2.48
CA GLU C 143 10.03 14.48 1.31
C GLU C 143 11.36 15.08 1.74
N LEU C 144 12.26 15.23 0.79
CA LEU C 144 13.53 15.89 1.06
C LEU C 144 13.98 16.64 -0.18
N ARG C 145 14.87 17.61 0.03
CA ARG C 145 15.32 18.51 -1.02
C ARG C 145 16.83 18.58 -1.04
N TYR C 146 17.48 17.42 -1.01
CA TYR C 146 18.93 17.40 -1.02
C TYR C 146 19.46 18.06 -2.30
N GLY C 147 20.43 18.95 -2.12
CA GLY C 147 21.02 19.67 -3.23
C GLY C 147 22.17 20.52 -2.75
N PRO C 148 23.27 20.51 -3.49
CA PRO C 148 24.48 21.21 -3.04
C PRO C 148 24.28 22.72 -2.98
N THR C 149 25.01 23.35 -2.07
CA THR C 149 24.99 24.80 -1.90
C THR C 149 26.13 25.51 -2.62
N ASP C 150 27.03 24.76 -3.28
CA ASP C 150 28.12 25.41 -4.00
C ASP C 150 27.59 26.21 -5.20
N SER C 151 26.56 25.69 -5.87
CA SER C 151 25.93 26.38 -6.98
C SER C 151 24.62 26.98 -6.51
N SER C 152 24.46 28.29 -6.73
CA SER C 152 23.26 29.03 -6.33
C SER C 152 22.78 29.82 -7.55
N ASN C 153 21.93 29.18 -8.36
CA ASN C 153 21.44 29.80 -9.58
C ASN C 153 20.18 30.60 -9.28
N ALA C 154 19.59 31.20 -10.31
CA ALA C 154 18.31 31.89 -10.14
C ALA C 154 17.21 30.91 -9.77
N THR C 155 17.21 29.73 -10.40
CA THR C 155 16.27 28.67 -10.08
C THR C 155 16.96 27.62 -9.21
N ALA C 156 16.39 27.34 -8.05
CA ALA C 156 16.99 26.39 -7.13
C ALA C 156 16.77 24.97 -7.62
N PRO C 157 17.84 24.20 -7.88
CA PRO C 157 17.65 22.79 -8.24
C PRO C 157 17.24 21.96 -7.05
N SER C 158 16.01 21.43 -7.09
CA SER C 158 15.42 20.74 -5.94
C SER C 158 15.15 19.28 -6.33
N VAL C 159 16.14 18.42 -6.07
CA VAL C 159 15.94 16.99 -6.26
C VAL C 159 14.98 16.48 -5.19
N ILE C 160 14.11 15.55 -5.56
CA ILE C 160 12.99 15.14 -4.73
C ILE C 160 12.95 13.62 -4.64
N GLN C 161 12.87 13.11 -3.41
CA GLN C 161 12.57 11.71 -3.15
C GLN C 161 11.42 11.64 -2.16
N LEU C 162 10.48 10.75 -2.40
CA LEU C 162 9.22 10.74 -1.66
C LEU C 162 9.28 9.99 -0.34
N LEU C 163 10.41 9.36 -0.02
CA LEU C 163 10.58 8.60 1.22
C LEU C 163 9.45 7.58 1.40
N SER C 164 9.40 6.61 0.49
CA SER C 164 8.45 5.53 0.61
C SER C 164 8.83 4.64 1.79
N THR C 165 7.84 4.33 2.62
CA THR C 165 8.09 3.50 3.79
C THR C 165 8.52 2.10 3.37
N GLU C 166 9.58 1.60 3.99
CA GLU C 166 10.10 0.27 3.68
C GLU C 166 10.53 -0.37 5.00
N THR C 167 11.20 -1.52 4.89
CA THR C 167 11.71 -2.20 6.08
C THR C 167 12.93 -1.48 6.64
N CYS C 168 13.63 -0.70 5.82
CA CYS C 168 14.86 -0.03 6.23
C CYS C 168 14.74 1.48 5.95
N CYS C 169 13.64 2.07 6.40
CA CYS C 169 13.28 3.45 6.14
C CYS C 169 12.25 3.86 7.21
N PRO C 170 11.52 5.03 7.11
CA PRO C 170 10.99 5.66 8.34
C PRO C 170 9.85 4.88 8.98
N THR C 171 9.18 5.53 9.95
CA THR C 171 8.12 4.91 10.77
C THR C 171 8.69 3.85 11.71
N LEU C 172 9.69 4.26 12.50
CA LEU C 172 10.27 3.42 13.54
C LEU C 172 10.44 4.24 14.80
N TRP C 173 10.47 3.55 15.94
CA TRP C 173 10.65 4.21 17.23
C TRP C 173 12.14 4.30 17.56
N MET C 174 12.64 5.53 17.69
CA MET C 174 14.03 5.79 18.04
C MET C 174 15.00 5.09 17.10
N LYS C 204 9.41 8.57 19.04
CA LYS C 204 9.18 8.59 17.60
C LYS C 204 10.45 9.01 16.87
N GLY C 205 10.35 9.22 15.55
CA GLY C 205 11.49 9.61 14.76
C GLY C 205 11.51 8.93 13.41
N GLY C 206 12.69 8.63 12.90
CA GLY C 206 12.81 7.89 11.67
C GLY C 206 14.12 8.17 10.98
N SER C 207 14.67 7.19 10.27
CA SER C 207 15.97 7.33 9.62
C SER C 207 15.96 6.45 8.39
N CYS C 208 15.67 7.03 7.23
CA CYS C 208 15.50 6.22 6.04
C CYS C 208 16.69 6.39 5.11
N LEU C 209 17.19 5.27 4.60
CA LEU C 209 18.34 5.28 3.71
C LEU C 209 17.95 5.87 2.37
N VAL C 210 18.62 6.96 1.99
CA VAL C 210 18.41 7.60 0.70
C VAL C 210 19.74 7.63 -0.05
N SER C 211 19.74 7.14 -1.29
CA SER C 211 20.94 7.01 -2.10
C SER C 211 20.87 7.98 -3.27
N GLY C 212 21.86 7.86 -4.15
CA GLY C 212 21.95 8.72 -5.31
C GLY C 212 22.64 10.05 -5.08
N LEU C 213 23.03 10.35 -3.85
CA LEU C 213 23.67 11.60 -3.53
C LEU C 213 25.16 11.56 -3.90
N GLN C 214 25.71 12.72 -4.25
CA GLN C 214 27.13 12.82 -4.50
C GLN C 214 27.89 12.64 -3.19
N ALA C 215 28.94 11.81 -3.24
CA ALA C 215 29.68 11.50 -2.03
C ALA C 215 30.68 12.59 -1.72
N GLY C 216 30.67 13.08 -0.47
CA GLY C 216 31.64 14.05 -0.02
C GLY C 216 31.45 15.46 -0.54
N LYS C 217 30.27 15.79 -1.05
CA LYS C 217 30.02 17.12 -1.60
C LYS C 217 29.49 18.10 -0.58
N SER C 218 29.41 17.70 0.70
CA SER C 218 28.93 18.56 1.78
C SER C 218 27.51 19.05 1.49
N TYR C 219 26.59 18.09 1.38
CA TYR C 219 25.21 18.39 1.05
C TYR C 219 24.51 19.13 2.17
N TRP C 220 23.48 19.87 1.79
CA TRP C 220 22.47 20.40 2.70
C TRP C 220 21.12 19.86 2.27
N LEU C 221 20.18 19.79 3.21
CA LEU C 221 18.89 19.20 2.87
C LEU C 221 17.85 19.66 3.88
N GLN C 222 16.60 19.58 3.47
CA GLN C 222 15.47 19.91 4.32
C GLN C 222 14.33 18.95 4.00
N LEU C 223 13.51 18.65 4.98
CA LEU C 223 12.42 17.69 4.83
C LEU C 223 11.09 18.39 5.03
N ARG C 224 10.16 18.19 4.11
CA ARG C 224 8.78 18.55 4.33
C ARG C 224 8.03 17.36 4.87
N SER C 225 6.78 17.59 5.25
CA SER C 225 5.93 16.55 5.82
C SER C 225 4.59 16.63 5.10
N GLN C 226 4.49 15.97 3.98
CA GLN C 226 3.17 15.84 3.38
C GLN C 226 2.37 14.81 4.15
N PRO C 227 1.16 15.14 4.57
CA PRO C 227 0.32 14.14 5.23
C PRO C 227 0.08 12.95 4.32
N ASP C 228 -0.18 11.79 4.94
CA ASP C 228 -0.11 10.52 4.24
C ASP C 228 -0.98 10.48 3.00
N GLY C 229 -2.09 11.20 3.01
CA GLY C 229 -3.07 11.12 1.95
C GLY C 229 -4.17 10.12 2.20
N VAL C 230 -3.96 9.17 3.11
CA VAL C 230 -4.99 8.21 3.48
C VAL C 230 -5.64 8.68 4.77
N SER C 231 -4.87 8.74 5.84
CA SER C 231 -5.43 9.20 7.14
C SER C 231 -5.43 10.73 7.18
N LEU C 232 -4.27 11.35 7.03
CA LEU C 232 -4.15 12.80 7.03
C LEU C 232 -3.85 13.27 5.60
N ARG C 233 -4.54 14.33 5.18
CA ARG C 233 -4.39 14.88 3.85
C ARG C 233 -4.07 16.37 3.95
N GLY C 234 -3.45 16.89 2.92
CA GLY C 234 -3.09 18.29 2.89
C GLY C 234 -1.86 18.52 2.05
N SER C 235 -1.56 19.79 1.83
CA SER C 235 -0.39 20.15 1.05
C SER C 235 0.87 19.91 1.87
N TRP C 236 2.02 20.02 1.20
CA TRP C 236 3.29 19.93 1.89
C TRP C 236 3.43 21.08 2.87
N GLY C 237 3.97 20.77 4.05
CA GLY C 237 4.33 21.80 4.99
C GLY C 237 5.60 22.49 4.52
N PRO C 238 5.97 23.57 5.19
CA PRO C 238 7.18 24.29 4.80
C PRO C 238 8.42 23.43 4.95
N TRP C 239 9.41 23.69 4.10
CA TRP C 239 10.68 23.00 4.23
C TRP C 239 11.31 23.30 5.60
N SER C 240 12.31 22.51 5.96
CA SER C 240 13.02 22.71 7.21
C SER C 240 14.10 23.76 7.05
N PHE C 241 14.78 24.06 8.13
CA PHE C 241 15.97 24.89 8.06
C PHE C 241 17.06 24.11 7.30
N PRO C 242 17.61 24.66 6.23
CA PRO C 242 18.66 23.92 5.50
C PRO C 242 19.84 23.61 6.39
N VAL C 243 20.08 22.33 6.64
CA VAL C 243 21.10 21.86 7.57
C VAL C 243 22.26 21.29 6.76
N THR C 244 23.46 21.82 7.00
CA THR C 244 24.64 21.31 6.32
C THR C 244 24.98 19.92 6.83
N VAL C 245 25.36 19.04 5.90
CA VAL C 245 25.72 17.67 6.23
C VAL C 245 27.12 17.41 5.71
N ASP C 246 28.03 17.06 6.61
CA ASP C 246 29.41 16.73 6.23
C ASP C 246 29.48 15.27 5.78
N LEU C 247 28.85 15.01 4.64
CA LEU C 247 28.74 13.66 4.12
C LEU C 247 30.12 13.13 3.75
N PRO C 248 30.52 11.96 4.23
CA PRO C 248 31.86 11.45 3.90
C PRO C 248 31.97 11.09 2.43
N GLY C 249 33.18 11.23 1.91
CA GLY C 249 33.43 10.93 0.52
C GLY C 249 33.46 9.44 0.25
N ASP C 250 33.54 9.10 -1.04
CA ASP C 250 33.59 7.72 -1.45
C ASP C 250 34.98 7.13 -1.24
N ALA C 251 35.06 5.80 -1.33
CA ALA C 251 36.35 5.13 -1.22
C ALA C 251 37.25 5.49 -2.38
N VAL C 252 36.67 5.67 -3.57
CA VAL C 252 37.47 6.05 -4.73
C VAL C 252 38.08 7.43 -4.57
N THR C 253 37.48 8.29 -3.72
CA THR C 253 38.04 9.61 -3.46
C THR C 253 39.16 9.58 -2.42
N ILE C 254 39.31 8.49 -1.68
CA ILE C 254 40.37 8.38 -0.70
C ILE C 254 41.41 7.31 -1.09
N GLY C 255 40.99 6.21 -1.69
CA GLY C 255 41.91 5.15 -2.07
C GLY C 255 41.61 3.83 -1.39
N TRP C 270 45.48 1.80 3.96
CA TRP C 270 44.78 2.86 3.24
C TRP C 270 45.72 4.03 2.94
N GLN C 271 45.28 4.93 2.07
CA GLN C 271 46.09 6.08 1.71
C GLN C 271 46.16 7.08 2.87
N GLN C 272 47.35 7.64 3.08
CA GLN C 272 47.58 8.58 4.16
C GLN C 272 48.25 9.83 3.60
N GLN C 273 47.83 11.00 4.09
CA GLN C 273 48.36 12.28 3.67
C GLN C 273 49.27 12.86 4.75
N ASP C 274 49.91 13.97 4.42
CA ASP C 274 50.86 14.59 5.33
C ASP C 274 50.13 15.21 6.53
N ARG C 275 50.71 15.00 7.71
CA ARG C 275 50.18 15.54 8.97
C ARG C 275 48.71 15.16 9.17
N THR C 276 48.40 13.89 8.92
CA THR C 276 47.04 13.38 9.07
C THR C 276 47.03 12.26 10.09
N SER C 277 46.04 12.30 10.98
CA SER C 277 45.86 11.31 12.04
C SER C 277 44.59 10.52 11.72
N SER C 278 44.77 9.36 11.08
CA SER C 278 43.65 8.53 10.67
C SER C 278 43.31 7.52 11.76
N GLN C 279 42.02 7.37 12.03
CA GLN C 279 41.52 6.43 13.02
C GLN C 279 40.58 5.44 12.35
N GLY C 280 40.78 4.15 12.62
CA GLY C 280 39.93 3.12 12.06
C GLY C 280 38.63 2.98 12.81
N PHE C 281 37.76 3.98 12.68
CA PHE C 281 36.52 4.07 13.44
C PHE C 281 35.43 3.28 12.71
N PHE C 282 35.64 1.97 12.60
CA PHE C 282 34.80 1.10 11.80
C PHE C 282 33.62 0.58 12.62
N ARG C 283 32.64 0.02 11.91
CA ARG C 283 31.47 -0.60 12.51
C ARG C 283 31.34 -2.03 12.02
N HIS C 284 31.13 -2.95 12.94
CA HIS C 284 30.95 -4.37 12.59
C HIS C 284 29.47 -4.68 12.60
N SER C 285 28.80 -4.39 11.49
CA SER C 285 27.38 -4.64 11.37
C SER C 285 27.12 -6.10 11.04
N ARG C 286 26.12 -6.69 11.70
CA ARG C 286 25.77 -8.09 11.52
C ARG C 286 24.51 -8.27 10.68
N THR C 287 24.23 -7.33 9.78
CA THR C 287 23.06 -7.39 8.90
C THR C 287 21.76 -7.51 9.69
N ARG C 288 21.70 -6.82 10.84
CA ARG C 288 20.50 -6.87 11.68
C ARG C 288 19.43 -5.91 11.18
N CYS C 289 19.74 -4.61 11.16
CA CYS C 289 18.80 -3.61 10.69
C CYS C 289 19.57 -2.50 9.98
N CYS C 290 19.07 -2.10 8.81
CA CYS C 290 19.71 -1.00 8.09
C CYS C 290 19.66 0.31 8.87
N PRO C 291 18.50 0.77 9.37
CA PRO C 291 18.50 2.04 10.11
C PRO C 291 19.33 1.94 11.38
N THR C 292 20.01 3.04 11.70
CA THR C 292 20.89 3.09 12.85
C THR C 292 20.20 3.83 14.00
N ASP C 293 20.66 3.56 15.21
CA ASP C 293 20.13 4.23 16.40
C ASP C 293 20.43 5.73 16.32
N ARG C 294 19.63 6.51 17.04
CA ARG C 294 19.79 7.96 17.04
C ARG C 294 21.20 8.34 17.49
N ASP C 295 21.69 7.72 18.54
CA ASP C 295 23.06 7.94 18.96
C ASP C 295 24.02 7.36 17.93
N PRO C 296 25.20 7.94 17.79
CA PRO C 296 26.16 7.40 16.81
C PRO C 296 26.70 6.05 17.24
N THR C 297 25.88 5.01 17.13
CA THR C 297 26.27 3.67 17.54
C THR C 297 27.28 3.12 16.53
N TRP C 298 28.49 2.85 17.01
CA TRP C 298 29.58 2.47 16.13
C TRP C 298 30.60 1.68 16.94
N GLU C 299 31.44 0.93 16.23
CA GLU C 299 32.44 0.09 16.86
C GLU C 299 33.81 0.76 16.77
N LYS C 300 34.84 0.01 17.18
CA LYS C 300 36.21 0.53 17.18
C LYS C 300 37.18 -0.64 17.13
N CYS C 301 38.26 -0.49 16.39
CA CYS C 301 39.31 -1.49 16.34
C CYS C 301 39.98 -1.67 17.70
N SER C 316 50.11 0.13 14.16
CA SER C 316 50.09 0.08 12.70
C SER C 316 48.68 -0.21 12.19
N ARG C 317 48.37 -1.49 12.02
CA ARG C 317 47.08 -1.93 11.51
C ARG C 317 46.28 -2.56 12.65
N CYS C 318 45.01 -2.14 12.78
CA CYS C 318 44.17 -2.66 13.86
C CYS C 318 43.88 -4.14 13.69
N HIS C 319 43.88 -4.63 12.45
CA HIS C 319 43.72 -6.06 12.14
C HIS C 319 42.40 -6.60 12.70
N PHE C 320 41.31 -6.06 12.17
CA PHE C 320 39.99 -6.56 12.55
C PHE C 320 39.78 -7.95 11.99
N LYS C 321 39.22 -8.84 12.80
CA LYS C 321 38.98 -10.23 12.42
C LYS C 321 37.66 -10.34 11.68
N SER C 322 37.69 -11.00 10.53
CA SER C 322 36.48 -11.19 9.73
C SER C 322 35.49 -12.10 10.46
N ARG C 323 34.20 -11.88 10.18
CA ARG C 323 33.14 -12.65 10.80
C ARG C 323 32.20 -13.19 9.73
N ASN C 324 31.51 -14.28 10.07
CA ASN C 324 30.57 -14.88 9.14
C ASN C 324 29.29 -14.05 9.04
N ASP C 325 28.52 -14.32 7.98
CA ASP C 325 27.17 -13.81 7.72
C ASP C 325 26.95 -12.37 8.17
N SER C 326 27.94 -11.51 7.94
CA SER C 326 27.84 -10.11 8.31
C SER C 326 28.46 -9.25 7.22
N VAL C 327 28.08 -7.98 7.20
CA VAL C 327 28.59 -7.01 6.25
C VAL C 327 29.76 -6.27 6.90
N ILE C 328 30.89 -6.22 6.20
CA ILE C 328 32.10 -5.61 6.74
C ILE C 328 32.13 -4.15 6.29
N HIS C 329 31.83 -3.24 7.22
CA HIS C 329 31.88 -1.81 6.96
C HIS C 329 33.22 -1.26 7.42
N ILE C 330 33.86 -0.47 6.55
CA ILE C 330 35.09 0.25 6.90
C ILE C 330 34.79 1.74 6.81
N LEU C 331 35.04 2.44 7.91
CA LEU C 331 34.90 3.89 7.96
C LEU C 331 36.27 4.49 8.26
N VAL C 332 36.73 5.37 7.38
CA VAL C 332 38.04 6.02 7.53
C VAL C 332 37.79 7.43 8.03
N GLU C 333 38.32 7.73 9.22
CA GLU C 333 38.22 9.06 9.82
C GLU C 333 39.59 9.71 9.79
N VAL C 334 39.69 10.85 9.11
CA VAL C 334 40.94 11.58 8.97
C VAL C 334 40.79 12.94 9.66
N THR C 335 41.75 13.24 10.53
CA THR C 335 41.75 14.50 11.28
C THR C 335 42.98 15.31 10.89
N THR C 336 42.76 16.57 10.52
CA THR C 336 43.85 17.44 10.13
C THR C 336 44.51 18.05 11.36
N ALA C 337 45.51 18.89 11.14
CA ALA C 337 46.20 19.56 12.24
C ALA C 337 45.28 20.54 12.96
N GLN C 338 44.22 21.01 12.29
CA GLN C 338 43.26 21.91 12.89
C GLN C 338 42.18 21.19 13.68
N GLY C 339 42.19 19.87 13.70
CA GLY C 339 41.19 19.10 14.41
C GLY C 339 39.93 18.83 13.64
N ALA C 340 39.79 19.35 12.43
CA ALA C 340 38.59 19.11 11.64
C ALA C 340 38.57 17.68 11.13
N VAL C 341 37.38 17.06 11.19
CA VAL C 341 37.23 15.70 10.71
C VAL C 341 37.09 15.71 9.19
N HIS C 342 37.85 14.84 8.53
CA HIS C 342 37.88 14.74 7.07
C HIS C 342 37.64 13.30 6.66
N SER C 343 36.57 12.71 7.19
CA SER C 343 36.33 11.28 7.06
C SER C 343 35.79 10.92 5.68
N TYR C 344 36.25 9.80 5.14
CA TYR C 344 35.71 9.20 3.92
C TYR C 344 35.19 7.81 4.22
N LEU C 345 34.23 7.37 3.42
CA LEU C 345 33.60 6.07 3.58
C LEU C 345 34.06 5.11 2.49
N GLY C 346 33.60 3.87 2.59
CA GLY C 346 33.98 2.85 1.62
C GLY C 346 32.82 1.90 1.37
N SER C 347 32.88 1.25 0.21
CA SER C 347 31.82 0.34 -0.18
C SER C 347 31.89 -0.94 0.66
N PRO C 348 30.81 -1.32 1.34
CA PRO C 348 30.84 -2.57 2.12
C PRO C 348 30.92 -3.79 1.23
N PHE C 349 31.49 -4.86 1.80
CA PHE C 349 31.62 -6.12 1.09
C PHE C 349 31.21 -7.27 2.01
N TRP C 350 30.98 -8.42 1.40
CA TRP C 350 30.56 -9.63 2.12
C TRP C 350 31.62 -10.09 3.11
#